data_3C84
#
_entry.id   3C84
#
_cell.length_a   84.893
_cell.length_b   116.726
_cell.length_c   132.002
_cell.angle_alpha   90.00
_cell.angle_beta   90.00
_cell.angle_gamma   90.00
#
_symmetry.space_group_name_H-M   'P 21 21 21'
#
loop_
_entity.id
_entity.type
_entity.pdbx_description
1 polymer 'Soluble acetylcholine receptor'
2 non-polymer {(2Z)-3-[(6-chloropyridin-3-yl)methyl]-1,3-thiazolidin-2-ylidene}cyanamide
3 non-polymer 'ISOPROPYL ALCOHOL'
4 non-polymer 'MAGNESIUM ION'
5 water water
#
_entity_poly.entity_id   1
_entity_poly.type   'polypeptide(L)'
_entity_poly.pdbx_seq_one_letter_code
;YKDDDDKLHSQANLMRLKSDLFNRSPMYPGPTKDDPLTVTLGFTLQDIVKADSSTNEVDLVYYEQQRWKLNSLMWDPNEY
GNITDFRTSAADIWTPDITAYSSTRPVQVLSPQIAVVTHDGSVMFIPAQRLSFMCDPTGVDSEEGATCAVKFGSWVYSGF
EIDLKTDTDQVDLSSYYASSKYEILSATQTRQVQHYSCCPEPYIDVNLVVKFRERRAGNGFFRNLFD
;
_entity_poly.pdbx_strand_id   A,B,C,D,E
#
# COMPACT_ATOMS: atom_id res chain seq x y z
N ASP A 6 2.64 -9.02 41.93
CA ASP A 6 3.06 -10.27 41.23
C ASP A 6 2.94 -10.14 39.70
N LYS A 7 1.77 -9.68 39.24
CA LYS A 7 1.53 -9.44 37.81
C LYS A 7 2.34 -8.26 37.30
N LEU A 8 2.45 -7.23 38.13
CA LEU A 8 3.27 -6.06 37.82
C LEU A 8 4.77 -6.43 37.71
N HIS A 9 5.22 -7.36 38.56
CA HIS A 9 6.59 -7.88 38.48
C HIS A 9 6.82 -8.69 37.20
N SER A 10 5.82 -9.46 36.80
CA SER A 10 5.94 -10.32 35.63
C SER A 10 6.07 -9.48 34.37
N GLN A 11 5.33 -8.37 34.30
CA GLN A 11 5.39 -7.45 33.17
C GLN A 11 6.73 -6.75 33.12
N ALA A 12 7.23 -6.38 34.30
CA ALA A 12 8.51 -5.70 34.41
C ALA A 12 9.64 -6.63 34.00
N ASN A 13 9.57 -7.89 34.42
CA ASN A 13 10.51 -8.92 34.00
C ASN A 13 10.52 -9.08 32.47
N LEU A 14 9.33 -9.09 31.86
CA LEU A 14 9.21 -9.27 30.41
C LEU A 14 9.78 -8.09 29.64
N MET A 15 9.38 -6.88 30.00
CA MET A 15 9.92 -5.68 29.33
C MET A 15 11.45 -5.57 29.53
N ARG A 16 11.95 -6.05 30.66
CA ARG A 16 13.40 -6.09 30.90
C ARG A 16 14.10 -7.08 29.97
N LEU A 17 13.55 -8.28 29.93
CA LEU A 17 14.07 -9.30 29.03
C LEU A 17 14.08 -8.81 27.58
N LYS A 18 12.96 -8.24 27.11
CA LYS A 18 12.89 -7.76 25.73
C LYS A 18 13.88 -6.61 25.46
N SER A 19 14.08 -5.76 26.46
CA SER A 19 15.08 -4.67 26.37
C SER A 19 16.51 -5.21 26.36
N ASP A 20 16.80 -6.21 27.19
CA ASP A 20 18.11 -6.87 27.18
C ASP A 20 18.44 -7.52 25.84
N LEU A 21 17.44 -8.16 25.24
CA LEU A 21 17.62 -8.87 23.96
C LEU A 21 17.70 -7.94 22.73
N PHE A 22 16.72 -7.02 22.60
CA PHE A 22 16.58 -6.17 21.39
C PHE A 22 17.15 -4.77 21.53
N ASN A 23 16.95 -4.14 22.69
CA ASN A 23 17.33 -2.74 22.88
C ASN A 23 18.82 -2.56 23.19
N ARG A 24 19.38 -3.48 23.96
CA ARG A 24 20.78 -3.38 24.34
C ARG A 24 21.65 -4.39 23.54
N SER A 25 21.17 -4.73 22.34
CA SER A 25 21.92 -5.56 21.40
C SER A 25 21.60 -5.16 19.95
N PRO A 26 22.64 -4.96 19.11
CA PRO A 26 22.46 -4.54 17.71
C PRO A 26 21.88 -5.69 16.85
N MET A 27 20.86 -5.37 16.04
CA MET A 27 20.08 -6.39 15.30
C MET A 27 20.96 -7.44 14.60
N TYR A 28 20.59 -8.72 14.77
CA TYR A 28 21.33 -9.88 14.22
C TYR A 28 21.50 -9.71 12.73
N PRO A 29 22.75 -9.83 12.25
CA PRO A 29 23.01 -9.44 10.87
C PRO A 29 22.69 -10.55 9.89
N GLY A 30 21.95 -11.56 10.35
CA GLY A 30 21.59 -12.68 9.49
C GLY A 30 22.70 -13.75 9.50
N PRO A 31 22.38 -14.93 8.96
CA PRO A 31 23.34 -16.05 8.90
C PRO A 31 24.50 -15.81 7.94
N THR A 32 25.59 -16.51 8.20
CA THR A 32 26.78 -16.43 7.37
C THR A 32 27.38 -17.83 7.26
N LYS A 33 28.41 -17.96 6.43
CA LYS A 33 29.10 -19.23 6.24
C LYS A 33 29.70 -19.70 7.57
N ASP A 34 30.09 -18.74 8.41
CA ASP A 34 30.70 -19.05 9.69
C ASP A 34 29.68 -19.26 10.80
N ASP A 35 28.47 -18.75 10.61
CA ASP A 35 27.39 -18.88 11.58
C ASP A 35 26.11 -19.22 10.81
N PRO A 36 26.06 -20.42 10.21
CA PRO A 36 24.95 -20.79 9.33
C PRO A 36 23.74 -21.15 10.15
N LEU A 37 22.59 -21.23 9.51
CA LEU A 37 21.34 -21.52 10.19
C LEU A 37 20.51 -22.54 9.42
N THR A 38 19.75 -23.35 10.12
CA THR A 38 18.79 -24.25 9.51
C THR A 38 17.36 -23.86 9.90
N VAL A 39 16.51 -23.67 8.89
CA VAL A 39 15.12 -23.31 9.08
C VAL A 39 14.31 -24.56 8.78
N THR A 40 13.49 -24.96 9.74
CA THR A 40 12.54 -26.05 9.49
C THR A 40 11.29 -25.42 8.93
N LEU A 41 10.76 -26.00 7.86
CA LEU A 41 9.53 -25.51 7.23
C LEU A 41 8.49 -26.60 7.14
N GLY A 42 7.23 -26.27 7.33
CA GLY A 42 6.15 -27.23 7.08
C GLY A 42 4.90 -26.48 6.65
N PHE A 43 4.18 -27.04 5.67
CA PHE A 43 3.00 -26.36 5.11
C PHE A 43 1.69 -26.95 5.60
N THR A 44 0.70 -26.07 5.82
CA THR A 44 -0.68 -26.48 6.07
C THR A 44 -1.57 -25.85 5.04
N LEU A 45 -2.14 -26.64 4.14
CA LEU A 45 -2.88 -26.07 3.02
C LEU A 45 -4.33 -25.93 3.43
N GLN A 46 -4.86 -24.70 3.35
CA GLN A 46 -6.26 -24.45 3.75
C GLN A 46 -7.26 -24.47 2.60
N ASP A 47 -6.85 -23.95 1.45
CA ASP A 47 -7.77 -23.86 0.33
C ASP A 47 -7.05 -23.63 -1.00
N ILE A 48 -7.48 -24.35 -2.05
CA ILE A 48 -7.21 -23.93 -3.42
C ILE A 48 -8.44 -23.11 -3.82
N VAL A 49 -8.24 -21.80 -3.88
CA VAL A 49 -9.33 -20.89 -4.08
C VAL A 49 -9.75 -20.80 -5.53
N LYS A 50 -8.76 -20.78 -6.42
CA LYS A 50 -9.05 -20.48 -7.81
C LYS A 50 -8.00 -21.15 -8.67
N ALA A 51 -8.42 -21.68 -9.80
CA ALA A 51 -7.52 -22.25 -10.77
C ALA A 51 -7.91 -21.62 -12.10
N ASP A 52 -7.05 -20.74 -12.62
CA ASP A 52 -7.38 -19.98 -13.82
C ASP A 52 -6.72 -20.62 -15.06
N SER A 53 -7.54 -21.30 -15.88
CA SER A 53 -7.02 -21.98 -17.06
C SER A 53 -6.75 -21.02 -18.23
N SER A 54 -7.16 -19.76 -18.12
CA SER A 54 -6.87 -18.78 -19.18
C SER A 54 -5.46 -18.19 -19.04
N THR A 55 -4.91 -18.25 -17.83
CA THR A 55 -3.55 -17.77 -17.57
C THR A 55 -2.63 -18.82 -16.96
N ASN A 56 -3.16 -19.97 -16.61
CA ASN A 56 -2.38 -20.99 -15.88
C ASN A 56 -1.75 -20.43 -14.60
N GLU A 57 -2.61 -19.88 -13.76
CA GLU A 57 -2.25 -19.47 -12.41
C GLU A 57 -3.24 -20.15 -11.44
N VAL A 58 -2.71 -20.64 -10.34
CA VAL A 58 -3.56 -21.17 -9.29
C VAL A 58 -3.33 -20.38 -8.00
N ASP A 59 -4.40 -20.15 -7.25
CA ASP A 59 -4.28 -19.36 -6.00
C ASP A 59 -4.46 -20.25 -4.77
N LEU A 60 -3.51 -20.23 -3.85
CA LEU A 60 -3.54 -21.14 -2.68
C LEU A 60 -3.60 -20.31 -1.43
N VAL A 61 -4.37 -20.74 -0.44
CA VAL A 61 -4.33 -20.14 0.93
C VAL A 61 -3.75 -21.21 1.85
N TYR A 62 -2.70 -20.86 2.61
CA TYR A 62 -2.05 -21.87 3.45
C TYR A 62 -1.34 -21.13 4.56
N TYR A 63 -0.93 -21.84 5.60
CA TYR A 63 0.06 -21.26 6.50
C TYR A 63 1.27 -22.14 6.53
N GLU A 64 2.37 -21.53 6.94
CA GLU A 64 3.66 -22.13 6.82
C GLU A 64 4.34 -22.06 8.19
N GLN A 65 4.58 -23.18 8.85
CA GLN A 65 5.29 -23.10 10.13
C GLN A 65 6.79 -23.04 9.87
N GLN A 66 7.43 -22.01 10.42
CA GLN A 66 8.89 -21.83 10.29
C GLN A 66 9.48 -21.88 11.69
N ARG A 67 10.58 -22.62 11.83
CA ARG A 67 11.33 -22.68 13.09
C ARG A 67 12.83 -22.56 12.84
N TRP A 68 13.47 -21.75 13.67
CA TRP A 68 14.94 -21.64 13.65
C TRP A 68 15.43 -21.31 15.06
N LYS A 69 16.74 -21.27 15.25
CA LYS A 69 17.30 -21.08 16.61
C LYS A 69 18.52 -20.20 16.54
N LEU A 70 18.57 -19.17 17.38
CA LEU A 70 19.71 -18.28 17.41
C LEU A 70 20.25 -18.23 18.82
N ASN A 71 21.56 -18.43 18.94
CA ASN A 71 22.21 -18.35 20.25
C ASN A 71 22.00 -16.97 20.88
N SER A 72 22.00 -15.92 20.05
CA SER A 72 21.80 -14.54 20.51
C SER A 72 20.42 -14.27 21.12
N LEU A 73 19.48 -15.21 20.94
CA LEU A 73 18.14 -15.06 21.53
C LEU A 73 17.93 -15.89 22.79
N MET A 74 19.02 -16.43 23.36
CA MET A 74 18.91 -17.30 24.53
C MET A 74 18.88 -16.47 25.80
N TRP A 75 18.17 -17.00 26.80
CA TRP A 75 18.24 -16.49 28.15
C TRP A 75 18.03 -17.59 29.18
N ASP A 76 18.43 -17.30 30.43
CA ASP A 76 18.13 -18.13 31.58
C ASP A 76 16.85 -17.60 32.23
N PRO A 77 15.77 -18.41 32.23
CA PRO A 77 14.50 -17.98 32.83
C PRO A 77 14.64 -17.57 34.31
N ASN A 78 15.64 -18.13 35.00
CA ASN A 78 15.90 -17.79 36.41
C ASN A 78 16.30 -16.33 36.61
N GLU A 79 16.99 -15.73 35.62
CA GLU A 79 17.32 -14.30 35.68
C GLU A 79 16.13 -13.42 35.34
N TYR A 80 15.02 -14.05 34.97
CA TYR A 80 13.87 -13.32 34.39
C TYR A 80 12.51 -13.82 34.84
N GLY A 81 12.35 -14.02 36.14
CA GLY A 81 11.04 -14.35 36.70
C GLY A 81 10.46 -15.64 36.16
N ASN A 82 11.33 -16.53 35.73
CA ASN A 82 10.96 -17.82 35.11
C ASN A 82 10.13 -17.73 33.81
N ILE A 83 10.25 -16.60 33.13
CA ILE A 83 9.75 -16.47 31.75
C ILE A 83 10.54 -17.41 30.84
N THR A 84 9.82 -18.28 30.15
CA THR A 84 10.43 -19.28 29.28
C THR A 84 10.17 -19.02 27.78
N ASP A 85 9.24 -18.10 27.50
CA ASP A 85 8.94 -17.71 26.12
C ASP A 85 8.12 -16.44 26.08
N PHE A 86 8.04 -15.85 24.90
CA PHE A 86 7.27 -14.63 24.73
C PHE A 86 6.91 -14.42 23.26
N ARG A 87 5.83 -13.67 23.06
CA ARG A 87 5.36 -13.30 21.73
C ARG A 87 6.00 -11.98 21.43
N THR A 88 6.39 -11.80 20.18
CA THR A 88 7.02 -10.55 19.78
C THR A 88 6.75 -10.21 18.31
N SER A 89 6.68 -8.93 18.00
CA SER A 89 6.52 -8.52 16.60
C SER A 89 7.65 -9.10 15.74
N ALA A 90 7.31 -9.67 14.58
CA ALA A 90 8.35 -10.21 13.70
C ALA A 90 9.37 -9.13 13.26
N ALA A 91 8.99 -7.86 13.34
CA ALA A 91 9.89 -6.75 13.00
C ALA A 91 10.99 -6.56 14.04
N ASP A 92 10.80 -7.11 15.25
CA ASP A 92 11.81 -6.97 16.33
C ASP A 92 12.99 -7.92 16.13
N ILE A 93 12.80 -8.93 15.27
CA ILE A 93 13.77 -10.01 15.17
C ILE A 93 14.11 -10.26 13.70
N TRP A 94 15.21 -11.00 13.48
CA TRP A 94 15.54 -11.42 12.13
C TRP A 94 14.58 -12.53 11.71
N THR A 95 14.15 -12.51 10.46
CA THR A 95 13.32 -13.62 9.96
C THR A 95 13.84 -14.01 8.55
N PRO A 96 13.70 -15.29 8.18
CA PRO A 96 14.18 -15.81 6.90
C PRO A 96 13.32 -15.30 5.76
N ASP A 97 13.94 -15.11 4.58
CA ASP A 97 13.29 -14.50 3.44
C ASP A 97 12.68 -15.56 2.52
N ILE A 98 11.81 -16.41 3.05
CA ILE A 98 11.30 -17.56 2.35
C ILE A 98 10.36 -17.13 1.23
N THR A 99 10.71 -17.52 0.00
CA THR A 99 10.09 -16.93 -1.19
C THR A 99 9.73 -18.07 -2.09
N ALA A 100 8.54 -18.00 -2.70
CA ALA A 100 8.18 -18.94 -3.76
C ALA A 100 8.96 -18.64 -5.05
N TYR A 101 9.41 -19.67 -5.79
CA TYR A 101 10.22 -19.34 -6.99
C TYR A 101 9.35 -18.95 -8.20
N SER A 102 8.12 -19.46 -8.24
CA SER A 102 7.25 -19.28 -9.42
C SER A 102 5.93 -18.57 -9.08
N SER A 103 5.99 -17.61 -8.17
CA SER A 103 4.81 -16.77 -7.89
C SER A 103 4.58 -15.87 -9.11
N THR A 104 3.32 -15.45 -9.31
CA THR A 104 3.01 -14.51 -10.38
C THR A 104 2.46 -13.18 -9.82
N ARG A 105 2.29 -13.08 -8.50
CA ARG A 105 1.86 -11.83 -7.84
CA ARG A 105 1.80 -11.87 -7.81
C ARG A 105 2.49 -11.79 -6.46
N PRO A 106 2.63 -10.58 -5.86
CA PRO A 106 3.16 -10.57 -4.49
C PRO A 106 2.27 -11.39 -3.57
N VAL A 107 2.87 -12.11 -2.64
CA VAL A 107 2.08 -12.84 -1.66
C VAL A 107 1.25 -11.86 -0.83
N GLN A 108 0.04 -12.25 -0.45
CA GLN A 108 -0.78 -11.48 0.46
C GLN A 108 -0.83 -12.10 1.85
N VAL A 109 -0.41 -11.34 2.85
CA VAL A 109 -0.28 -11.83 4.21
C VAL A 109 -1.62 -11.77 4.92
N LEU A 110 -2.01 -12.91 5.51
CA LEU A 110 -3.35 -13.06 6.12
C LEU A 110 -3.36 -13.16 7.64
N SER A 111 -2.20 -13.21 8.26
CA SER A 111 -2.08 -13.32 9.71
C SER A 111 -1.10 -12.28 10.24
N PRO A 112 -1.24 -11.93 11.53
CA PRO A 112 -0.42 -10.97 12.23
C PRO A 112 1.03 -11.37 12.22
N GLN A 113 1.92 -10.42 11.97
CA GLN A 113 3.33 -10.77 11.83
C GLN A 113 3.98 -10.76 13.21
N ILE A 114 3.61 -11.78 13.98
CA ILE A 114 4.07 -12.01 15.35
C ILE A 114 4.61 -13.43 15.46
N ALA A 115 5.71 -13.56 16.19
CA ALA A 115 6.44 -14.79 16.38
C ALA A 115 6.51 -15.08 17.88
N VAL A 116 6.87 -16.32 18.18
CA VAL A 116 7.16 -16.77 19.56
C VAL A 116 8.63 -17.15 19.70
N VAL A 117 9.27 -16.54 20.69
CA VAL A 117 10.67 -16.79 21.02
C VAL A 117 10.70 -17.57 22.32
N THR A 118 11.43 -18.70 22.32
CA THR A 118 11.67 -19.51 23.50
C THR A 118 13.11 -19.31 24.07
N HIS A 119 13.30 -19.61 25.35
CA HIS A 119 14.55 -19.27 26.08
C HIS A 119 15.81 -19.99 25.56
N ASP A 120 15.62 -21.09 24.84
CA ASP A 120 16.73 -21.78 24.19
C ASP A 120 17.15 -21.08 22.88
N GLY A 121 16.57 -19.92 22.61
CA GLY A 121 16.91 -19.17 21.41
C GLY A 121 16.09 -19.59 20.19
N SER A 122 15.17 -20.54 20.37
CA SER A 122 14.37 -21.01 19.22
C SER A 122 13.19 -20.07 18.92
N VAL A 123 12.82 -20.02 17.64
CA VAL A 123 11.79 -19.08 17.19
C VAL A 123 10.77 -19.87 16.38
N MET A 124 9.49 -19.60 16.61
CA MET A 124 8.43 -20.16 15.79
C MET A 124 7.62 -19.00 15.21
N PHE A 125 7.33 -19.08 13.90
CA PHE A 125 6.63 -18.03 13.19
C PHE A 125 5.75 -18.76 12.19
N ILE A 126 4.46 -18.44 12.16
CA ILE A 126 3.48 -19.20 11.34
C ILE A 126 2.61 -18.27 10.49
N PRO A 127 3.20 -17.67 9.43
CA PRO A 127 2.45 -16.78 8.53
C PRO A 127 1.43 -17.49 7.66
N ALA A 128 0.21 -16.96 7.63
CA ALA A 128 -0.79 -17.41 6.65
C ALA A 128 -0.72 -16.45 5.44
N GLN A 129 -0.88 -17.01 4.25
CA GLN A 129 -0.61 -16.28 3.01
CA GLN A 129 -0.60 -16.29 3.00
C GLN A 129 -1.60 -16.73 1.94
N ARG A 130 -1.94 -15.83 1.02
CA ARG A 130 -2.57 -16.24 -0.23
C ARG A 130 -1.52 -16.08 -1.35
N LEU A 131 -1.26 -17.15 -2.10
CA LEU A 131 -0.22 -17.13 -3.14
C LEU A 131 -0.81 -17.44 -4.53
N SER A 132 -0.48 -16.64 -5.55
CA SER A 132 -0.77 -17.04 -6.95
C SER A 132 0.51 -17.56 -7.55
N PHE A 133 0.46 -18.73 -8.19
CA PHE A 133 1.68 -19.30 -8.77
C PHE A 133 1.39 -20.02 -10.07
N MET A 134 2.46 -20.23 -10.83
CA MET A 134 2.40 -20.88 -12.16
C MET A 134 1.94 -22.32 -12.03
N CYS A 135 0.78 -22.60 -12.62
CA CYS A 135 0.17 -23.91 -12.58
C CYS A 135 -0.87 -24.10 -13.72
N ASP A 136 -0.68 -25.14 -14.51
CA ASP A 136 -1.64 -25.50 -15.56
C ASP A 136 -2.70 -26.44 -14.97
N PRO A 137 -3.96 -26.00 -14.85
CA PRO A 137 -4.93 -26.90 -14.22
C PRO A 137 -5.53 -27.95 -15.15
N THR A 138 -4.97 -28.12 -16.35
CA THR A 138 -5.52 -29.10 -17.30
C THR A 138 -5.66 -30.46 -16.60
N GLY A 139 -6.86 -31.02 -16.68
CA GLY A 139 -7.13 -32.33 -16.08
C GLY A 139 -7.76 -32.26 -14.70
N VAL A 140 -7.94 -31.05 -14.16
CA VAL A 140 -8.61 -30.85 -12.88
C VAL A 140 -10.05 -31.40 -12.92
N ASP A 141 -10.65 -31.43 -14.11
CA ASP A 141 -12.04 -31.90 -14.26
C ASP A 141 -12.10 -33.39 -14.55
N SER A 142 -10.98 -34.07 -14.39
CA SER A 142 -10.89 -35.51 -14.59
C SER A 142 -10.61 -36.21 -13.29
N GLU A 143 -10.74 -37.55 -13.31
CA GLU A 143 -10.52 -38.33 -12.10
C GLU A 143 -9.07 -38.27 -11.62
N GLU A 144 -8.13 -38.18 -12.55
CA GLU A 144 -6.72 -38.13 -12.20
C GLU A 144 -6.29 -36.73 -11.70
N GLY A 145 -7.08 -35.70 -12.00
CA GLY A 145 -6.80 -34.33 -11.52
C GLY A 145 -5.60 -33.70 -12.20
N ALA A 146 -5.16 -32.57 -11.64
CA ALA A 146 -4.01 -31.84 -12.14
C ALA A 146 -2.94 -31.89 -11.07
N THR A 147 -1.68 -31.78 -11.46
CA THR A 147 -0.55 -31.75 -10.54
C THR A 147 0.19 -30.44 -10.76
N CYS A 148 0.47 -29.72 -9.67
CA CYS A 148 1.33 -28.57 -9.75
C CYS A 148 2.40 -28.58 -8.66
N ALA A 149 3.46 -27.80 -8.86
CA ALA A 149 4.55 -27.71 -7.90
C ALA A 149 5.06 -26.28 -7.82
N VAL A 150 5.54 -25.94 -6.63
CA VAL A 150 6.14 -24.66 -6.37
C VAL A 150 7.17 -24.84 -5.29
N LYS A 151 8.35 -24.29 -5.56
CA LYS A 151 9.48 -24.36 -4.65
C LYS A 151 9.56 -23.11 -3.78
N PHE A 152 9.92 -23.30 -2.50
CA PHE A 152 10.13 -22.18 -1.54
C PHE A 152 11.50 -22.26 -0.92
N GLY A 153 12.13 -21.10 -0.73
CA GLY A 153 13.40 -21.04 -0.01
C GLY A 153 13.91 -19.63 0.06
N SER A 154 15.10 -19.46 0.66
CA SER A 154 15.69 -18.14 0.75
C SER A 154 16.02 -17.72 -0.67
N TRP A 155 15.66 -16.49 -1.03
CA TRP A 155 15.96 -15.98 -2.35
C TRP A 155 17.47 -15.66 -2.40
N VAL A 156 18.05 -15.25 -1.27
CA VAL A 156 19.40 -14.62 -1.31
C VAL A 156 20.55 -15.39 -0.60
N TYR A 157 20.17 -16.32 0.29
CA TYR A 157 21.16 -17.10 1.09
C TYR A 157 21.31 -18.48 0.50
N SER A 158 22.56 -18.86 0.18
CA SER A 158 22.89 -20.20 -0.30
C SER A 158 22.82 -21.17 0.86
N GLY A 159 22.93 -22.47 0.54
CA GLY A 159 22.95 -23.53 1.55
C GLY A 159 24.09 -23.44 2.56
N PHE A 160 25.12 -22.68 2.24
CA PHE A 160 26.20 -22.41 3.22
C PHE A 160 25.79 -21.46 4.34
N GLU A 161 24.70 -20.73 4.13
CA GLU A 161 24.18 -19.75 5.10
C GLU A 161 22.84 -20.18 5.69
N ILE A 162 21.95 -20.65 4.81
CA ILE A 162 20.67 -21.16 5.25
C ILE A 162 20.41 -22.51 4.65
N ASP A 163 20.30 -23.48 5.53
CA ASP A 163 19.84 -24.78 5.11
C ASP A 163 18.37 -24.91 5.51
N LEU A 164 17.62 -25.79 4.84
CA LEU A 164 16.23 -26.05 5.20
C LEU A 164 16.03 -27.51 5.52
N LYS A 165 14.98 -27.78 6.29
CA LYS A 165 14.54 -29.15 6.49
C LYS A 165 13.06 -29.16 6.74
N THR A 166 12.43 -30.32 6.52
CA THR A 166 11.04 -30.54 6.92
C THR A 166 11.00 -31.57 8.07
N ASP A 167 9.90 -31.61 8.83
CA ASP A 167 9.64 -32.69 9.82
C ASP A 167 9.06 -33.92 9.16
N THR A 168 8.28 -33.69 8.12
CA THR A 168 7.68 -34.78 7.38
C THR A 168 7.65 -34.32 5.91
N ASP A 169 7.51 -35.28 4.98
CA ASP A 169 7.29 -34.89 3.59
C ASP A 169 5.79 -34.79 3.28
N GLN A 170 4.96 -34.97 4.29
CA GLN A 170 3.51 -34.85 4.11
C GLN A 170 2.97 -33.48 4.52
N VAL A 171 2.40 -32.77 3.54
CA VAL A 171 1.67 -31.52 3.81
C VAL A 171 0.48 -31.78 4.74
N ASP A 172 0.31 -30.90 5.71
CA ASP A 172 -0.79 -31.03 6.65
C ASP A 172 -2.09 -30.63 5.98
N LEU A 173 -2.98 -31.61 5.80
CA LEU A 173 -4.28 -31.39 5.16
C LEU A 173 -5.43 -31.36 6.15
N SER A 174 -5.07 -31.33 7.43
CA SER A 174 -6.07 -31.46 8.50
C SER A 174 -7.01 -30.25 8.63
N SER A 175 -6.62 -29.11 8.01
CA SER A 175 -7.43 -27.91 7.99
C SER A 175 -7.86 -27.49 6.60
N TYR A 176 -7.81 -28.41 5.65
CA TYR A 176 -8.17 -28.07 4.29
C TYR A 176 -9.68 -27.83 4.27
N TYR A 177 -10.11 -26.72 3.68
CA TYR A 177 -11.51 -26.35 3.61
C TYR A 177 -12.37 -27.46 2.95
N ALA A 178 -13.29 -28.02 3.72
CA ALA A 178 -14.06 -29.19 3.27
C ALA A 178 -15.04 -28.89 2.14
N SER A 179 -15.37 -27.63 1.90
CA SER A 179 -16.27 -27.29 0.79
C SER A 179 -15.56 -26.47 -0.29
N SER A 180 -14.24 -26.55 -0.36
CA SER A 180 -13.48 -25.99 -1.48
C SER A 180 -14.01 -26.45 -2.85
N LYS A 181 -13.80 -25.63 -3.88
CA LYS A 181 -14.12 -26.06 -5.24
C LYS A 181 -13.26 -27.24 -5.66
N TYR A 182 -12.13 -27.43 -4.98
CA TYR A 182 -11.14 -28.44 -5.32
C TYR A 182 -10.82 -29.35 -4.14
N GLU A 183 -10.71 -30.65 -4.40
CA GLU A 183 -10.25 -31.62 -3.40
C GLU A 183 -8.78 -31.95 -3.62
N ILE A 184 -8.08 -32.26 -2.53
CA ILE A 184 -6.65 -32.54 -2.59
C ILE A 184 -6.49 -34.05 -2.70
N LEU A 185 -5.80 -34.51 -3.74
CA LEU A 185 -5.52 -35.93 -3.89
C LEU A 185 -4.24 -36.31 -3.16
N SER A 186 -3.23 -35.46 -3.24
CA SER A 186 -2.00 -35.60 -2.44
C SER A 186 -1.28 -34.26 -2.33
N ALA A 187 -0.45 -34.12 -1.31
CA ALA A 187 0.31 -32.90 -1.17
C ALA A 187 1.56 -33.24 -0.42
N THR A 188 2.72 -33.06 -1.06
CA THR A 188 4.00 -33.40 -0.44
C THR A 188 4.94 -32.20 -0.36
N GLN A 189 5.89 -32.26 0.55
CA GLN A 189 6.90 -31.22 0.72
C GLN A 189 8.27 -31.87 0.81
N THR A 190 9.17 -31.50 -0.10
CA THR A 190 10.47 -32.20 -0.20
C THR A 190 11.68 -31.26 -0.38
N ARG A 191 12.70 -31.44 0.45
CA ARG A 191 13.92 -30.61 0.38
C ARG A 191 14.64 -30.87 -0.91
N GLN A 192 15.13 -29.81 -1.57
CA GLN A 192 15.95 -30.00 -2.79
C GLN A 192 17.17 -29.08 -2.77
N VAL A 193 18.17 -29.45 -3.56
CA VAL A 193 19.36 -28.63 -3.79
C VAL A 193 19.28 -28.04 -5.22
N GLN A 194 19.35 -26.71 -5.32
CA GLN A 194 19.23 -26.01 -6.60
C GLN A 194 20.47 -25.23 -6.89
N HIS A 195 20.76 -25.03 -8.16
CA HIS A 195 21.77 -24.06 -8.55
C HIS A 195 21.12 -23.05 -9.48
N TYR A 196 21.42 -21.78 -9.25
CA TYR A 196 20.91 -20.69 -10.10
C TYR A 196 22.06 -20.15 -10.95
N SER A 197 21.71 -19.48 -12.05
CA SER A 197 22.72 -19.05 -13.02
C SER A 197 23.73 -18.05 -12.46
N CYS A 198 23.31 -17.21 -11.50
CA CYS A 198 24.20 -16.17 -10.97
C CYS A 198 25.49 -16.66 -10.32
N CYS A 199 25.46 -17.88 -9.78
CA CYS A 199 26.30 -18.25 -8.62
C CYS A 199 26.72 -19.74 -8.59
N PRO A 200 27.94 -20.04 -8.10
CA PRO A 200 28.32 -21.47 -8.04
C PRO A 200 27.69 -22.23 -6.87
N GLU A 201 27.29 -21.51 -5.82
CA GLU A 201 26.88 -22.15 -4.59
C GLU A 201 25.51 -22.82 -4.73
N PRO A 202 25.28 -23.91 -4.01
CA PRO A 202 23.95 -24.50 -4.03
C PRO A 202 22.98 -23.72 -3.13
N TYR A 203 21.70 -23.69 -3.51
CA TYR A 203 20.61 -23.00 -2.79
C TYR A 203 19.61 -24.08 -2.40
N ILE A 204 19.01 -23.95 -1.22
CA ILE A 204 18.10 -25.01 -0.78
C ILE A 204 16.65 -24.56 -0.87
N ASP A 205 15.78 -25.44 -1.36
CA ASP A 205 14.36 -25.16 -1.37
C ASP A 205 13.57 -26.35 -0.85
N VAL A 206 12.29 -26.10 -0.58
CA VAL A 206 11.36 -27.15 -0.27
C VAL A 206 10.32 -27.11 -1.36
N ASN A 207 10.18 -28.23 -2.08
CA ASN A 207 9.27 -28.30 -3.20
C ASN A 207 7.92 -28.82 -2.75
N LEU A 208 6.88 -28.05 -3.03
CA LEU A 208 5.52 -28.38 -2.63
C LEU A 208 4.84 -28.91 -3.85
N VAL A 209 4.41 -30.16 -3.81
CA VAL A 209 3.76 -30.76 -4.97
C VAL A 209 2.34 -31.13 -4.59
N VAL A 210 1.37 -30.53 -5.28
CA VAL A 210 -0.04 -30.73 -4.98
C VAL A 210 -0.75 -31.32 -6.21
N LYS A 211 -1.45 -32.42 -5.98
CA LYS A 211 -2.34 -33.04 -6.97
C LYS A 211 -3.75 -32.78 -6.49
N PHE A 212 -4.58 -32.24 -7.38
CA PHE A 212 -5.91 -31.79 -7.01
C PHE A 212 -6.90 -31.95 -8.14
N ARG A 213 -8.19 -31.96 -7.80
CA ARG A 213 -9.23 -32.06 -8.82
C ARG A 213 -10.52 -31.42 -8.36
N GLU A 214 -11.38 -31.09 -9.32
CA GLU A 214 -12.67 -30.50 -9.02
C GLU A 214 -13.46 -31.41 -8.07
N ARG A 215 -14.06 -30.80 -7.04
CA ARG A 215 -14.86 -31.53 -6.06
C ARG A 215 -16.15 -32.08 -6.69
N ASP B 5 -9.51 30.05 29.15
CA ASP B 5 -8.71 29.50 30.28
C ASP B 5 -9.04 28.04 30.58
N ASP B 6 -10.33 27.74 30.74
CA ASP B 6 -10.81 26.41 31.08
C ASP B 6 -10.41 25.40 30.00
N LYS B 7 -10.72 25.75 28.75
CA LYS B 7 -10.45 24.91 27.57
C LYS B 7 -8.95 24.71 27.33
N LEU B 8 -8.16 25.72 27.66
CA LEU B 8 -6.70 25.63 27.64
C LEU B 8 -6.19 24.63 28.70
N HIS B 9 -6.80 24.66 29.88
CA HIS B 9 -6.43 23.79 31.00
C HIS B 9 -6.78 22.33 30.74
N SER B 10 -7.98 22.10 30.18
CA SER B 10 -8.44 20.73 29.89
C SER B 10 -7.53 20.04 28.86
N GLN B 11 -7.11 20.80 27.85
CA GLN B 11 -6.16 20.34 26.86
C GLN B 11 -4.80 20.00 27.49
N ALA B 12 -4.35 20.87 28.38
CA ALA B 12 -3.08 20.65 29.06
C ALA B 12 -3.18 19.40 29.91
N ASN B 13 -4.31 19.23 30.58
CA ASN B 13 -4.53 18.06 31.42
C ASN B 13 -4.49 16.74 30.64
N LEU B 14 -5.17 16.72 29.48
CA LEU B 14 -5.17 15.53 28.60
C LEU B 14 -3.80 15.22 28.02
N MET B 15 -3.13 16.22 27.47
CA MET B 15 -1.75 16.09 27.03
C MET B 15 -0.86 15.51 28.14
N ARG B 16 -0.99 16.03 29.36
CA ARG B 16 -0.23 15.53 30.51
C ARG B 16 -0.53 14.08 30.85
N LEU B 17 -1.83 13.73 30.90
CA LEU B 17 -2.26 12.33 31.10
C LEU B 17 -1.65 11.38 30.08
N LYS B 18 -1.77 11.72 28.81
CA LYS B 18 -1.25 10.91 27.71
C LYS B 18 0.27 10.78 27.81
N SER B 19 0.93 11.89 28.12
CA SER B 19 2.38 11.90 28.36
C SER B 19 2.74 10.91 29.46
N ASP B 20 2.07 11.04 30.61
CA ASP B 20 2.30 10.17 31.75
C ASP B 20 2.07 8.70 31.43
N LEU B 21 1.03 8.42 30.64
CA LEU B 21 0.68 7.04 30.33
C LEU B 21 1.62 6.42 29.29
N PHE B 22 1.89 7.16 28.21
CA PHE B 22 2.53 6.58 27.02
C PHE B 22 4.02 6.88 26.90
N ASN B 23 4.44 8.05 27.40
CA ASN B 23 5.84 8.47 27.29
C ASN B 23 6.67 7.97 28.47
N ARG B 24 5.99 7.70 29.59
CA ARG B 24 6.68 7.45 30.86
C ARG B 24 6.53 6.01 31.38
N SER B 25 6.33 5.07 30.44
CA SER B 25 6.30 3.62 30.71
C SER B 25 6.08 2.82 29.41
N TYR B 28 3.62 -2.00 28.34
CA TYR B 28 2.81 -3.23 28.26
C TYR B 28 3.21 -4.13 27.10
N PRO B 29 3.89 -5.24 27.43
CA PRO B 29 4.46 -6.16 26.45
C PRO B 29 3.43 -7.22 26.00
N GLY B 30 2.15 -6.94 26.21
CA GLY B 30 1.09 -7.90 25.85
C GLY B 30 0.84 -8.88 27.00
N PRO B 31 -0.23 -9.69 26.88
CA PRO B 31 -0.61 -10.69 27.90
C PRO B 31 0.34 -11.87 27.99
N THR B 32 0.32 -12.53 29.13
CA THR B 32 1.15 -13.73 29.36
C THR B 32 0.35 -14.68 30.22
N LYS B 33 0.87 -15.88 30.44
CA LYS B 33 0.15 -16.86 31.27
C LYS B 33 0.06 -16.37 32.72
N ASP B 34 1.04 -15.58 33.16
CA ASP B 34 0.97 -15.03 34.51
C ASP B 34 0.09 -13.78 34.59
N ASP B 35 -0.11 -13.09 33.46
CA ASP B 35 -0.92 -11.87 33.37
C ASP B 35 -1.83 -11.92 32.13
N PRO B 36 -2.84 -12.81 32.15
CA PRO B 36 -3.71 -13.02 30.99
C PRO B 36 -4.82 -11.97 30.90
N LEU B 37 -5.52 -11.95 29.76
CA LEU B 37 -6.42 -10.88 29.44
C LEU B 37 -7.69 -11.45 28.78
N THR B 38 -8.82 -10.84 29.07
CA THR B 38 -10.07 -11.18 28.39
C THR B 38 -10.42 -10.10 27.34
N VAL B 39 -10.73 -10.53 26.13
CA VAL B 39 -11.19 -9.63 25.08
C VAL B 39 -12.63 -10.04 24.82
N THR B 40 -13.54 -9.09 25.03
CA THR B 40 -14.94 -9.30 24.69
C THR B 40 -15.17 -8.86 23.25
N LEU B 41 -15.82 -9.70 22.47
CA LEU B 41 -15.99 -9.45 21.05
C LEU B 41 -17.46 -9.46 20.75
N GLY B 42 -17.90 -8.60 19.84
CA GLY B 42 -19.30 -8.54 19.38
C GLY B 42 -19.29 -8.12 17.92
N PHE B 43 -20.09 -8.77 17.07
CA PHE B 43 -20.16 -8.47 15.64
C PHE B 43 -21.50 -7.80 15.29
N THR B 44 -21.40 -6.73 14.49
CA THR B 44 -22.54 -6.06 13.87
C THR B 44 -22.41 -6.21 12.36
N LEU B 45 -23.29 -7.02 11.76
CA LEU B 45 -23.16 -7.37 10.35
C LEU B 45 -23.92 -6.35 9.54
N GLN B 46 -23.22 -5.70 8.58
CA GLN B 46 -23.81 -4.64 7.80
C GLN B 46 -24.30 -5.08 6.43
N ASP B 47 -23.56 -5.98 5.78
CA ASP B 47 -23.91 -6.40 4.42
C ASP B 47 -23.17 -7.65 4.05
N ILE B 48 -23.87 -8.55 3.37
CA ILE B 48 -23.22 -9.56 2.57
C ILE B 48 -23.20 -8.94 1.18
N VAL B 49 -22.01 -8.58 0.75
CA VAL B 49 -21.83 -7.84 -0.50
C VAL B 49 -21.88 -8.76 -1.72
N LYS B 50 -21.18 -9.89 -1.62
CA LYS B 50 -20.99 -10.74 -2.78
C LYS B 50 -20.83 -12.17 -2.34
N ALA B 51 -21.38 -13.10 -3.13
CA ALA B 51 -21.12 -14.51 -2.90
C ALA B 51 -20.67 -15.11 -4.23
N ASP B 52 -19.43 -15.60 -4.28
CA ASP B 52 -18.88 -16.09 -5.53
C ASP B 52 -18.89 -17.63 -5.57
N SER B 53 -19.80 -18.21 -6.34
CA SER B 53 -19.89 -19.68 -6.39
C SER B 53 -18.82 -20.33 -7.27
N SER B 54 -18.05 -19.52 -8.01
CA SER B 54 -16.95 -20.05 -8.81
C SER B 54 -15.67 -20.28 -8.03
N THR B 55 -15.54 -19.63 -6.86
CA THR B 55 -14.35 -19.78 -6.01
C THR B 55 -14.69 -20.17 -4.54
N ASN B 56 -15.98 -20.22 -4.25
CA ASN B 56 -16.50 -20.39 -2.90
C ASN B 56 -15.87 -19.38 -1.91
N GLU B 57 -16.07 -18.11 -2.23
CA GLU B 57 -15.71 -16.97 -1.35
C GLU B 57 -16.93 -16.09 -1.20
N VAL B 58 -17.15 -15.61 0.02
CA VAL B 58 -18.22 -14.64 0.31
C VAL B 58 -17.62 -13.41 0.96
N ASP B 59 -18.14 -12.23 0.60
CA ASP B 59 -17.56 -10.99 1.10
C ASP B 59 -18.55 -10.35 2.06
N LEU B 60 -18.10 -10.05 3.26
CA LEU B 60 -18.95 -9.44 4.28
C LEU B 60 -18.41 -8.09 4.70
N VAL B 61 -19.32 -7.21 5.09
CA VAL B 61 -18.91 -5.91 5.70
C VAL B 61 -19.54 -5.87 7.08
N TYR B 62 -18.74 -5.59 8.10
CA TYR B 62 -19.27 -5.63 9.47
C TYR B 62 -18.36 -4.76 10.31
N TYR B 63 -18.82 -4.38 11.50
CA TYR B 63 -17.82 -3.94 12.46
C TYR B 63 -17.82 -4.85 13.70
N GLU B 64 -16.69 -4.84 14.40
CA GLU B 64 -16.42 -5.76 15.48
C GLU B 64 -16.09 -4.95 16.73
N GLN B 65 -16.97 -4.98 17.73
CA GLN B 65 -16.65 -4.26 18.95
C GLN B 65 -15.67 -5.07 19.78
N GLN B 66 -14.53 -4.50 20.17
CA GLN B 66 -13.55 -5.21 20.98
C GLN B 66 -13.38 -4.46 22.29
N ARG B 67 -13.38 -5.18 23.40
CA ARG B 67 -13.10 -4.56 24.70
C ARG B 67 -12.12 -5.35 25.55
N TRP B 68 -11.27 -4.63 26.29
CA TRP B 68 -10.35 -5.28 27.24
C TRP B 68 -9.96 -4.23 28.29
N LYS B 69 -9.26 -4.67 29.32
CA LYS B 69 -8.88 -3.75 30.39
C LYS B 69 -7.44 -4.02 30.83
N LEU B 70 -6.67 -2.94 31.00
CA LEU B 70 -5.30 -3.01 31.50
C LEU B 70 -5.13 -2.12 32.73
N ASN B 71 -4.48 -2.67 33.74
CA ASN B 71 -4.06 -1.92 34.94
C ASN B 71 -3.14 -0.76 34.59
N SER B 72 -2.24 -0.99 33.64
CA SER B 72 -1.34 0.06 33.16
C SER B 72 -2.03 1.25 32.51
N LEU B 73 -3.31 1.12 32.14
CA LEU B 73 -4.03 2.24 31.55
C LEU B 73 -4.95 2.99 32.54
N MET B 74 -4.80 2.69 33.82
CA MET B 74 -5.65 3.28 34.87
C MET B 74 -5.12 4.64 35.32
N TRP B 75 -6.06 5.53 35.66
CA TRP B 75 -5.74 6.83 36.29
C TRP B 75 -6.89 7.35 37.18
N ASP B 76 -6.56 8.32 38.02
CA ASP B 76 -7.56 9.02 38.84
C ASP B 76 -7.96 10.29 38.12
N PRO B 77 -9.23 10.40 37.70
CA PRO B 77 -9.65 11.61 37.00
C PRO B 77 -9.33 12.87 37.83
N ASN B 78 -9.31 12.72 39.16
CA ASN B 78 -9.04 13.85 40.03
C ASN B 78 -7.65 14.47 39.91
N GLU B 79 -6.67 13.66 39.54
CA GLU B 79 -5.32 14.17 39.28
C GLU B 79 -5.18 14.78 37.89
N TYR B 80 -6.26 14.72 37.10
CA TYR B 80 -6.25 15.14 35.68
C TYR B 80 -7.52 15.89 35.30
N GLY B 81 -7.92 16.87 36.11
CA GLY B 81 -9.09 17.69 35.80
C GLY B 81 -10.38 16.96 35.49
N ASN B 82 -10.64 15.87 36.22
CA ASN B 82 -11.79 14.99 35.98
C ASN B 82 -11.95 14.47 34.53
N ILE B 83 -10.82 14.25 33.86
CA ILE B 83 -10.83 13.49 32.60
C ILE B 83 -11.16 12.02 32.92
N THR B 84 -12.27 11.52 32.39
CA THR B 84 -12.71 10.13 32.64
C THR B 84 -12.40 9.15 31.48
N ASP B 85 -12.12 9.69 30.30
CA ASP B 85 -11.77 8.85 29.13
C ASP B 85 -11.11 9.72 28.08
N PHE B 86 -10.54 9.08 27.06
CA PHE B 86 -10.01 9.84 25.95
C PHE B 86 -9.92 8.98 24.68
N ARG B 87 -9.87 9.64 23.54
CA ARG B 87 -9.66 8.98 22.26
C ARG B 87 -8.17 8.94 21.94
N THR B 88 -7.72 7.83 21.39
CA THR B 88 -6.32 7.70 21.06
C THR B 88 -6.07 6.84 19.82
N SER B 89 -5.04 7.21 19.08
CA SER B 89 -4.65 6.39 17.97
C SER B 89 -4.38 4.95 18.46
N ALA B 90 -4.89 3.96 17.73
CA ALA B 90 -4.65 2.57 18.09
C ALA B 90 -3.15 2.22 18.07
N ALA B 91 -2.34 2.99 17.34
CA ALA B 91 -0.89 2.78 17.35
C ALA B 91 -0.24 3.15 18.67
N ASP B 92 -0.91 3.97 19.47
CA ASP B 92 -0.37 4.37 20.77
C ASP B 92 -0.49 3.30 21.86
N ILE B 93 -1.29 2.26 21.62
CA ILE B 93 -1.59 1.29 22.68
C ILE B 93 -1.47 -0.14 22.10
N TRP B 94 -1.33 -1.12 22.99
CA TRP B 94 -1.41 -2.53 22.60
C TRP B 94 -2.84 -2.83 22.13
N THR B 95 -2.98 -3.59 21.04
CA THR B 95 -4.31 -4.09 20.66
C THR B 95 -4.23 -5.60 20.34
N PRO B 96 -5.35 -6.32 20.51
CA PRO B 96 -5.31 -7.78 20.32
C PRO B 96 -5.28 -8.13 18.84
N ASP B 97 -4.58 -9.22 18.53
CA ASP B 97 -4.38 -9.66 17.13
C ASP B 97 -5.51 -10.53 16.62
N ILE B 98 -6.76 -10.03 16.70
CA ILE B 98 -7.95 -10.82 16.38
C ILE B 98 -8.00 -11.03 14.86
N THR B 99 -8.04 -12.29 14.42
CA THR B 99 -7.80 -12.65 13.03
C THR B 99 -8.88 -13.63 12.61
N ALA B 100 -9.40 -13.46 11.42
CA ALA B 100 -10.27 -14.50 10.83
C ALA B 100 -9.41 -15.71 10.39
N TYR B 101 -9.84 -16.93 10.72
CA TYR B 101 -9.03 -18.12 10.46
C TYR B 101 -9.08 -18.57 8.99
N SER B 102 -10.15 -18.21 8.30
CA SER B 102 -10.35 -18.69 6.93
C SER B 102 -10.63 -17.58 5.93
N SER B 103 -9.96 -16.46 6.11
CA SER B 103 -9.97 -15.35 5.13
C SER B 103 -9.23 -15.83 3.88
N THR B 104 -9.56 -15.24 2.74
CA THR B 104 -8.90 -15.56 1.47
C THR B 104 -8.18 -14.32 0.91
N ARG B 105 -8.37 -13.18 1.58
N ARG B 105 -8.33 -13.17 1.57
CA ARG B 105 -7.78 -11.89 1.19
CA ARG B 105 -7.60 -11.97 1.18
C ARG B 105 -7.42 -11.14 2.49
C ARG B 105 -7.44 -11.13 2.43
N PRO B 106 -6.44 -10.22 2.44
CA PRO B 106 -6.24 -9.40 3.64
C PRO B 106 -7.55 -8.64 3.91
N VAL B 107 -7.95 -8.56 5.17
CA VAL B 107 -9.10 -7.76 5.53
CA VAL B 107 -9.09 -7.73 5.57
C VAL B 107 -8.85 -6.27 5.15
N GLN B 108 -9.88 -5.60 4.64
CA GLN B 108 -9.75 -4.19 4.34
C GLN B 108 -10.39 -3.40 5.46
N VAL B 109 -9.63 -2.47 6.01
CA VAL B 109 -10.13 -1.66 7.13
C VAL B 109 -10.92 -0.45 6.64
N LEU B 110 -12.11 -0.26 7.18
CA LEU B 110 -13.03 0.74 6.70
C LEU B 110 -13.26 1.85 7.68
N SER B 111 -12.70 1.76 8.89
CA SER B 111 -12.88 2.83 9.86
C SER B 111 -11.52 3.26 10.45
N PRO B 112 -11.47 4.46 11.04
CA PRO B 112 -10.22 4.97 11.59
C PRO B 112 -9.71 4.12 12.73
N GLN B 113 -8.38 4.00 12.79
CA GLN B 113 -7.77 3.16 13.78
C GLN B 113 -7.58 3.97 15.06
N ILE B 114 -8.69 4.22 15.73
CA ILE B 114 -8.75 5.04 16.93
C ILE B 114 -9.59 4.29 17.96
N ALA B 115 -9.10 4.29 19.19
CA ALA B 115 -9.75 3.60 20.31
C ALA B 115 -10.12 4.60 21.42
N VAL B 116 -10.95 4.12 22.36
CA VAL B 116 -11.34 4.97 23.51
C VAL B 116 -10.84 4.29 24.75
N VAL B 117 -10.14 5.05 25.58
CA VAL B 117 -9.57 4.50 26.82
C VAL B 117 -10.29 5.22 27.96
N THR B 118 -10.71 4.48 28.98
CA THR B 118 -11.41 4.98 30.14
C THR B 118 -10.50 4.83 31.37
N HIS B 119 -10.74 5.68 32.39
CA HIS B 119 -9.89 5.77 33.57
C HIS B 119 -9.79 4.48 34.40
N ASP B 120 -10.78 3.60 34.30
CA ASP B 120 -10.69 2.27 34.90
C ASP B 120 -9.74 1.30 34.17
N GLY B 121 -9.08 1.79 33.11
CA GLY B 121 -8.14 0.99 32.35
C GLY B 121 -8.78 0.26 31.17
N SER B 122 -10.07 0.44 30.99
CA SER B 122 -10.75 -0.27 29.91
C SER B 122 -10.57 0.41 28.54
N VAL B 123 -10.48 -0.42 27.49
CA VAL B 123 -10.29 0.09 26.15
C VAL B 123 -11.41 -0.43 25.27
N MET B 124 -11.92 0.40 24.35
CA MET B 124 -12.92 -0.03 23.39
C MET B 124 -12.39 0.36 22.02
N PHE B 125 -12.51 -0.56 21.09
CA PHE B 125 -11.99 -0.38 19.74
C PHE B 125 -12.99 -1.10 18.84
N ILE B 126 -13.49 -0.39 17.81
CA ILE B 126 -14.58 -0.93 17.00
C ILE B 126 -14.26 -0.83 15.52
N PRO B 127 -13.34 -1.70 15.02
CA PRO B 127 -13.00 -1.64 13.61
C PRO B 127 -14.10 -2.18 12.66
N ALA B 128 -14.37 -1.44 11.61
CA ALA B 128 -15.22 -1.87 10.51
C ALA B 128 -14.28 -2.46 9.43
N GLN B 129 -14.73 -3.54 8.79
CA GLN B 129 -13.86 -4.38 7.93
C GLN B 129 -14.66 -4.90 6.77
N ARG B 130 -14.00 -5.06 5.61
CA ARG B 130 -14.56 -5.94 4.53
C ARG B 130 -13.69 -7.19 4.49
N LEU B 131 -14.35 -8.34 4.61
CA LEU B 131 -13.63 -9.62 4.70
C LEU B 131 -14.09 -10.54 3.57
N SER B 132 -13.14 -11.17 2.84
CA SER B 132 -13.46 -12.32 1.99
C SER B 132 -13.10 -13.59 2.74
N PHE B 133 -14.03 -14.54 2.81
CA PHE B 133 -13.73 -15.80 3.53
C PHE B 133 -14.32 -17.02 2.79
N MET B 134 -13.83 -18.18 3.18
CA MET B 134 -14.19 -19.47 2.56
C MET B 134 -15.62 -19.81 2.91
N CYS B 135 -16.44 -19.87 1.86
CA CYS B 135 -17.87 -20.06 2.00
C CYS B 135 -18.44 -20.59 0.69
N ASP B 136 -19.07 -21.77 0.76
CA ASP B 136 -19.85 -22.36 -0.35
C ASP B 136 -21.29 -21.83 -0.31
N PRO B 137 -21.66 -20.94 -1.25
CA PRO B 137 -23.01 -20.40 -1.20
C PRO B 137 -24.11 -21.29 -1.82
N THR B 138 -23.82 -22.58 -2.00
CA THR B 138 -24.84 -23.50 -2.55
C THR B 138 -26.10 -23.43 -1.72
N GLY B 139 -27.22 -23.16 -2.38
CA GLY B 139 -28.52 -23.13 -1.73
C GLY B 139 -29.01 -21.72 -1.46
N VAL B 140 -28.15 -20.77 -1.76
CA VAL B 140 -28.47 -19.38 -1.53
C VAL B 140 -29.72 -18.99 -2.33
N ASP B 141 -29.96 -19.69 -3.42
CA ASP B 141 -31.11 -19.44 -4.27
C ASP B 141 -32.34 -20.25 -3.89
N SER B 142 -32.50 -20.52 -2.61
CA SER B 142 -33.58 -21.37 -2.14
C SER B 142 -34.13 -20.85 -0.82
N GLU B 143 -35.32 -21.31 -0.46
CA GLU B 143 -35.96 -20.85 0.77
C GLU B 143 -35.07 -21.09 1.99
N GLU B 144 -34.37 -22.21 1.99
CA GLU B 144 -33.52 -22.58 3.12
C GLU B 144 -32.19 -21.78 3.18
N GLY B 145 -31.70 -21.33 2.04
CA GLY B 145 -30.43 -20.59 1.98
C GLY B 145 -29.16 -21.40 2.12
N ALA B 146 -28.05 -20.68 2.24
CA ALA B 146 -26.72 -21.25 2.46
C ALA B 146 -26.27 -20.94 3.91
N THR B 147 -25.32 -21.73 4.41
CA THR B 147 -24.80 -21.56 5.75
C THR B 147 -23.28 -21.53 5.64
N CYS B 148 -22.68 -20.46 6.16
CA CYS B 148 -21.24 -20.38 6.24
C CYS B 148 -20.78 -19.93 7.62
N ALA B 149 -19.51 -20.14 7.90
CA ALA B 149 -19.00 -19.82 9.21
C ALA B 149 -17.55 -19.44 9.07
N VAL B 150 -17.10 -18.57 9.97
CA VAL B 150 -15.71 -18.12 10.02
C VAL B 150 -15.38 -17.88 11.50
N LYS B 151 -14.22 -18.37 11.92
CA LYS B 151 -13.74 -18.23 13.32
C LYS B 151 -12.81 -17.03 13.46
N PHE B 152 -12.92 -16.32 14.58
CA PHE B 152 -12.08 -15.17 14.87
C PHE B 152 -11.40 -15.39 16.19
N GLY B 153 -10.12 -15.09 16.27
CA GLY B 153 -9.42 -15.23 17.52
C GLY B 153 -8.03 -14.65 17.41
N SER B 154 -7.32 -14.63 18.52
CA SER B 154 -5.86 -14.35 18.47
C SER B 154 -5.17 -15.38 17.57
N TRP B 155 -4.30 -14.91 16.70
CA TRP B 155 -3.48 -15.83 15.94
C TRP B 155 -2.40 -16.47 16.81
N VAL B 156 -1.79 -15.73 17.75
CA VAL B 156 -0.59 -16.21 18.44
C VAL B 156 -0.72 -16.46 19.94
N TYR B 157 -1.81 -15.99 20.57
CA TYR B 157 -2.02 -16.15 22.01
C TYR B 157 -3.01 -17.26 22.34
N SER B 158 -2.57 -18.23 23.17
CA SER B 158 -3.42 -19.36 23.56
C SER B 158 -4.47 -18.87 24.55
N GLY B 159 -5.44 -19.75 24.86
CA GLY B 159 -6.44 -19.49 25.91
C GLY B 159 -5.89 -19.26 27.33
N PHE B 160 -4.61 -19.55 27.53
CA PHE B 160 -3.93 -19.23 28.81
C PHE B 160 -3.46 -17.76 28.84
N GLU B 161 -3.43 -17.11 27.69
CA GLU B 161 -2.97 -15.72 27.58
C GLU B 161 -4.10 -14.75 27.23
N ILE B 162 -4.90 -15.12 26.24
CA ILE B 162 -6.08 -14.35 25.85
C ILE B 162 -7.31 -15.24 25.91
N ASP B 163 -8.26 -14.83 26.74
CA ASP B 163 -9.60 -15.39 26.69
C ASP B 163 -10.54 -14.51 25.85
N LEU B 164 -11.53 -15.11 25.22
CA LEU B 164 -12.55 -14.36 24.49
C LEU B 164 -13.90 -14.56 25.17
N LYS B 165 -14.69 -13.50 25.15
CA LYS B 165 -16.03 -13.49 25.73
C LYS B 165 -16.95 -12.84 24.70
N THR B 166 -18.22 -13.22 24.68
CA THR B 166 -19.25 -12.46 23.94
C THR B 166 -20.30 -12.01 24.95
N ASP B 167 -21.00 -10.89 24.69
CA ASP B 167 -22.13 -10.50 25.56
C ASP B 167 -23.43 -11.25 25.26
N THR B 168 -23.55 -11.71 24.02
CA THR B 168 -24.71 -12.43 23.57
C THR B 168 -24.25 -13.34 22.44
N ASP B 169 -25.00 -14.39 22.15
CA ASP B 169 -24.63 -15.24 21.05
C ASP B 169 -25.29 -14.78 19.75
N GLN B 170 -26.07 -13.68 19.84
CA GLN B 170 -26.73 -13.13 18.66
C GLN B 170 -25.90 -12.00 18.05
N VAL B 171 -25.55 -12.15 16.77
CA VAL B 171 -24.93 -11.07 16.00
C VAL B 171 -25.94 -9.91 15.93
N ASP B 172 -25.45 -8.67 16.03
CA ASP B 172 -26.34 -7.51 15.95
C ASP B 172 -26.68 -7.28 14.49
N LEU B 173 -27.95 -7.46 14.14
CA LEU B 173 -28.44 -7.25 12.78
C LEU B 173 -29.26 -5.96 12.58
N SER B 174 -29.24 -5.08 13.59
CA SER B 174 -30.00 -3.84 13.57
C SER B 174 -29.48 -2.83 12.54
N SER B 175 -28.25 -3.04 12.02
CA SER B 175 -27.71 -2.20 10.94
C SER B 175 -27.48 -2.97 9.65
N TYR B 176 -28.14 -4.10 9.49
CA TYR B 176 -27.96 -4.86 8.28
C TYR B 176 -28.62 -4.09 7.14
N TYR B 177 -27.87 -3.90 6.07
CA TYR B 177 -28.37 -3.18 4.89
C TYR B 177 -29.69 -3.77 4.35
N ALA B 178 -30.75 -2.97 4.39
CA ALA B 178 -32.13 -3.40 4.07
C ALA B 178 -32.32 -3.78 2.61
N SER B 179 -31.47 -3.27 1.71
CA SER B 179 -31.56 -3.60 0.29
C SER B 179 -30.37 -4.39 -0.23
N SER B 180 -29.71 -5.15 0.64
CA SER B 180 -28.65 -6.04 0.23
C SER B 180 -29.17 -7.08 -0.77
N LYS B 181 -28.29 -7.57 -1.63
CA LYS B 181 -28.66 -8.71 -2.48
C LYS B 181 -29.03 -9.95 -1.66
N TYR B 182 -28.58 -10.01 -0.39
CA TYR B 182 -28.83 -11.17 0.49
C TYR B 182 -29.55 -10.78 1.74
N GLU B 183 -30.54 -11.59 2.13
CA GLU B 183 -31.20 -11.40 3.42
C GLU B 183 -30.63 -12.42 4.41
N ILE B 184 -30.56 -12.04 5.69
CA ILE B 184 -29.99 -12.89 6.74
C ILE B 184 -31.10 -13.66 7.40
N LEU B 185 -30.97 -14.99 7.44
CA LEU B 185 -31.93 -15.85 8.10
C LEU B 185 -31.55 -15.95 9.57
N SER B 186 -30.26 -16.06 9.85
CA SER B 186 -29.80 -16.00 11.24
C SER B 186 -28.30 -15.75 11.26
N ALA B 187 -27.81 -15.25 12.39
CA ALA B 187 -26.40 -14.98 12.55
C ALA B 187 -26.06 -15.04 14.03
N THR B 188 -25.17 -15.97 14.37
CA THR B 188 -24.77 -16.26 15.73
C THR B 188 -23.26 -16.11 15.90
N GLN B 189 -22.85 -15.83 17.14
CA GLN B 189 -21.41 -15.71 17.50
C GLN B 189 -21.19 -16.53 18.76
N THR B 190 -20.36 -17.57 18.67
CA THR B 190 -20.23 -18.54 19.74
C THR B 190 -18.76 -18.80 20.04
N ARG B 191 -18.41 -18.68 21.31
CA ARG B 191 -17.07 -19.00 21.80
C ARG B 191 -16.76 -20.50 21.63
N GLN B 192 -15.55 -20.83 21.19
CA GLN B 192 -15.11 -22.21 20.99
C GLN B 192 -13.67 -22.36 21.41
N VAL B 193 -13.25 -23.61 21.59
CA VAL B 193 -11.86 -23.91 21.93
C VAL B 193 -11.30 -24.77 20.79
N GLN B 194 -10.09 -24.44 20.32
CA GLN B 194 -9.44 -25.23 19.27
C GLN B 194 -8.06 -25.63 19.72
N HIS B 195 -7.49 -26.60 19.01
CA HIS B 195 -6.06 -26.89 19.13
C HIS B 195 -5.46 -26.85 17.75
N TYR B 196 -4.24 -26.34 17.65
CA TYR B 196 -3.50 -26.28 16.37
C TYR B 196 -2.31 -27.22 16.41
N SER B 197 -1.77 -27.56 15.22
CA SER B 197 -0.65 -28.52 15.15
C SER B 197 0.59 -28.09 15.92
N CYS B 198 0.89 -26.80 15.89
CA CYS B 198 2.15 -26.34 16.45
C CYS B 198 2.34 -26.65 17.94
N CYS B 199 1.22 -26.68 18.67
CA CYS B 199 1.21 -26.38 20.10
C CYS B 199 0.22 -27.23 20.91
N PRO B 200 0.58 -27.55 22.17
CA PRO B 200 -0.39 -28.29 22.99
C PRO B 200 -1.48 -27.43 23.60
N GLU B 201 -1.29 -26.11 23.68
CA GLU B 201 -2.27 -25.27 24.40
C GLU B 201 -3.59 -25.07 23.66
N PRO B 202 -4.70 -24.92 24.38
CA PRO B 202 -5.95 -24.58 23.68
C PRO B 202 -5.99 -23.08 23.32
N TYR B 203 -6.60 -22.78 22.17
CA TYR B 203 -6.75 -21.42 21.62
C TYR B 203 -8.24 -21.12 21.56
N ILE B 204 -8.60 -19.88 21.89
CA ILE B 204 -10.02 -19.51 21.90
C ILE B 204 -10.39 -18.79 20.59
N ASP B 205 -11.59 -19.08 20.08
CA ASP B 205 -12.16 -18.32 18.96
C ASP B 205 -13.63 -18.00 19.19
N VAL B 206 -14.14 -17.06 18.43
CA VAL B 206 -15.58 -16.79 18.40
C VAL B 206 -15.98 -17.13 16.96
N ASN B 207 -16.90 -18.09 16.83
CA ASN B 207 -17.29 -18.59 15.54
C ASN B 207 -18.57 -17.88 15.10
N LEU B 208 -18.46 -17.16 13.99
CA LEU B 208 -19.58 -16.44 13.40
C LEU B 208 -20.25 -17.36 12.39
N VAL B 209 -21.52 -17.69 12.63
CA VAL B 209 -22.24 -18.55 11.72
C VAL B 209 -23.38 -17.79 11.08
N VAL B 210 -23.43 -17.76 9.75
CA VAL B 210 -24.40 -16.93 9.06
C VAL B 210 -25.20 -17.75 8.09
N LYS B 211 -26.53 -17.65 8.20
CA LYS B 211 -27.45 -18.35 7.29
C LYS B 211 -28.13 -17.27 6.48
N PHE B 212 -28.06 -17.38 5.17
CA PHE B 212 -28.50 -16.28 4.28
C PHE B 212 -29.04 -16.82 2.95
N ARG B 213 -29.79 -15.99 2.24
CA ARG B 213 -30.33 -16.35 0.94
C ARG B 213 -30.49 -15.11 0.08
N GLU B 214 -30.56 -15.31 -1.23
CA GLU B 214 -30.87 -14.22 -2.16
C GLU B 214 -32.20 -13.59 -1.74
N ARG B 215 -32.25 -12.26 -1.70
CA ARG B 215 -33.46 -11.56 -1.26
C ARG B 215 -34.66 -11.99 -2.14
N ARG B 216 -35.82 -12.18 -1.52
CA ARG B 216 -36.94 -12.87 -2.20
C ARG B 216 -37.95 -11.93 -2.87
N ASP C 6 14.33 40.51 0.87
CA ASP C 6 12.89 40.47 1.30
C ASP C 6 12.37 39.03 1.36
N LYS C 7 12.30 38.38 0.18
CA LYS C 7 11.78 37.01 0.02
C LYS C 7 12.38 36.01 1.02
N LEU C 8 13.68 36.13 1.28
CA LEU C 8 14.36 35.34 2.29
C LEU C 8 13.77 35.50 3.70
N HIS C 9 13.31 36.70 4.01
CA HIS C 9 12.69 36.96 5.32
C HIS C 9 11.24 36.46 5.39
N SER C 10 10.50 36.53 4.29
CA SER C 10 9.15 35.97 4.25
C SER C 10 9.16 34.44 4.45
N GLN C 11 10.06 33.75 3.74
CA GLN C 11 10.30 32.33 3.97
C GLN C 11 10.67 32.08 5.43
N ALA C 12 11.55 32.93 5.97
CA ALA C 12 12.03 32.77 7.35
C ALA C 12 10.90 33.00 8.35
N ASN C 13 10.04 33.98 8.06
CA ASN C 13 8.87 34.28 8.91
C ASN C 13 7.92 33.07 8.95
N LEU C 14 7.73 32.42 7.80
CA LEU C 14 6.89 31.21 7.73
C LEU C 14 7.49 30.02 8.47
N MET C 15 8.77 29.75 8.22
CA MET C 15 9.47 28.65 8.90
C MET C 15 9.42 28.83 10.42
N ARG C 16 9.46 30.09 10.84
CA ARG C 16 9.38 30.46 12.25
C ARG C 16 7.98 30.26 12.84
N LEU C 17 6.97 30.77 12.13
CA LEU C 17 5.56 30.54 12.48
C LEU C 17 5.27 29.04 12.65
N LYS C 18 5.69 28.23 11.69
CA LYS C 18 5.42 26.80 11.71
C LYS C 18 6.16 26.11 12.87
N SER C 19 7.44 26.42 13.01
CA SER C 19 8.23 26.01 14.18
C SER C 19 7.55 26.38 15.50
N ASP C 20 7.17 27.64 15.64
CA ASP C 20 6.47 28.12 16.83
C ASP C 20 5.17 27.36 17.10
N LEU C 21 4.38 27.11 16.05
CA LEU C 21 3.10 26.40 16.22
C LEU C 21 3.30 24.91 16.49
N PHE C 22 4.04 24.24 15.61
CA PHE C 22 4.15 22.78 15.59
C PHE C 22 5.24 22.22 16.52
N ASN C 23 5.92 23.10 17.25
CA ASN C 23 7.00 22.69 18.18
C ASN C 23 7.07 23.55 19.44
N ARG C 24 5.90 23.95 19.92
CA ARG C 24 5.78 24.51 21.27
C ARG C 24 4.56 23.86 21.93
N SER C 25 3.77 23.14 21.14
CA SER C 25 2.58 22.44 21.63
C SER C 25 2.13 21.26 20.74
N TYR C 28 -2.17 19.05 19.39
CA TYR C 28 -3.53 19.17 19.91
C TYR C 28 -4.09 17.76 20.10
N PRO C 29 -4.58 17.46 21.33
CA PRO C 29 -4.89 16.06 21.59
C PRO C 29 -6.25 15.61 21.02
N GLY C 30 -6.93 16.51 20.30
CA GLY C 30 -8.27 16.24 19.80
C GLY C 30 -9.31 16.83 20.74
N PRO C 31 -10.57 16.88 20.29
CA PRO C 31 -11.64 17.48 21.09
C PRO C 31 -12.03 16.64 22.28
N THR C 32 -12.66 17.26 23.26
CA THR C 32 -13.10 16.56 24.47
C THR C 32 -14.44 17.18 24.86
N LYS C 33 -15.10 16.60 25.85
CA LYS C 33 -16.35 17.12 26.33
C LYS C 33 -16.16 18.54 26.90
N ASP C 34 -14.97 18.82 27.45
CA ASP C 34 -14.69 20.14 28.03
C ASP C 34 -14.28 21.14 26.96
N ASP C 35 -13.77 20.62 25.83
CA ASP C 35 -13.26 21.45 24.75
C ASP C 35 -13.76 20.90 23.39
N PRO C 36 -15.08 21.02 23.14
CA PRO C 36 -15.64 20.43 21.91
C PRO C 36 -15.32 21.22 20.65
N LEU C 37 -15.58 20.56 19.52
CA LEU C 37 -15.26 21.09 18.22
C LEU C 37 -16.46 20.98 17.29
N THR C 38 -16.69 21.99 16.46
CA THR C 38 -17.66 21.90 15.37
C THR C 38 -16.94 21.76 14.03
N VAL C 39 -17.28 20.71 13.29
CA VAL C 39 -16.75 20.55 11.93
C VAL C 39 -17.87 20.86 10.95
N THR C 40 -17.61 21.77 10.01
CA THR C 40 -18.59 22.07 8.97
C THR C 40 -18.24 21.20 7.76
N LEU C 41 -19.25 20.54 7.20
CA LEU C 41 -19.04 19.65 6.08
C LEU C 41 -19.92 20.05 4.90
N GLY C 42 -19.33 20.02 3.70
CA GLY C 42 -20.08 20.17 2.47
C GLY C 42 -19.57 19.26 1.37
N PHE C 43 -20.48 18.75 0.54
CA PHE C 43 -20.12 17.83 -0.52
C PHE C 43 -20.27 18.45 -1.92
N THR C 44 -19.32 18.12 -2.80
CA THR C 44 -19.37 18.52 -4.21
C THR C 44 -19.26 17.22 -4.99
N LEU C 45 -20.34 16.80 -5.61
CA LEU C 45 -20.39 15.52 -6.28
C LEU C 45 -19.92 15.65 -7.71
N GLN C 46 -18.88 14.89 -8.06
CA GLN C 46 -18.31 15.01 -9.40
C GLN C 46 -18.83 13.94 -10.36
N ASP C 47 -19.05 12.71 -9.88
CA ASP C 47 -19.46 11.67 -10.79
C ASP C 47 -20.03 10.47 -10.03
N ILE C 48 -21.08 9.88 -10.57
CA ILE C 48 -21.46 8.54 -10.21
C ILE C 48 -20.83 7.66 -11.27
N VAL C 49 -19.75 6.97 -10.88
CA VAL C 49 -18.94 6.26 -11.84
C VAL C 49 -19.58 4.96 -12.29
N LYS C 50 -20.08 4.19 -11.33
CA LYS C 50 -20.45 2.79 -11.60
C LYS C 50 -21.60 2.48 -10.66
N ALA C 51 -22.61 1.76 -11.14
CA ALA C 51 -23.64 1.27 -10.26
C ALA C 51 -23.74 -0.24 -10.52
N ASP C 52 -23.50 -1.04 -9.50
CA ASP C 52 -23.37 -2.46 -9.68
C ASP C 52 -24.58 -3.18 -9.10
N SER C 53 -25.51 -3.55 -9.99
CA SER C 53 -26.76 -4.16 -9.59
C SER C 53 -26.56 -5.63 -9.18
N SER C 54 -25.36 -6.16 -9.38
CA SER C 54 -25.07 -7.54 -8.98
C SER C 54 -24.63 -7.66 -7.51
N THR C 55 -24.09 -6.56 -6.96
CA THR C 55 -23.65 -6.50 -5.53
C THR C 55 -24.35 -5.40 -4.73
N ASN C 56 -25.12 -4.55 -5.40
CA ASN C 56 -25.69 -3.35 -4.80
C ASN C 56 -24.64 -2.44 -4.12
N GLU C 57 -23.67 -2.06 -4.95
CA GLU C 57 -22.65 -1.10 -4.62
C GLU C 57 -22.61 -0.04 -5.71
N VAL C 58 -22.47 1.22 -5.29
CA VAL C 58 -22.35 2.31 -6.25
C VAL C 58 -21.09 3.07 -5.89
N ASP C 59 -20.38 3.56 -6.90
CA ASP C 59 -19.09 4.23 -6.69
C ASP C 59 -19.28 5.69 -7.03
N LEU C 60 -18.94 6.56 -6.07
CA LEU C 60 -19.02 8.01 -6.27
C LEU C 60 -17.64 8.65 -6.22
N VAL C 61 -17.45 9.70 -7.02
CA VAL C 61 -16.30 10.57 -6.91
C VAL C 61 -16.80 11.95 -6.52
N TYR C 62 -16.20 12.52 -5.47
CA TYR C 62 -16.70 13.79 -4.92
C TYR C 62 -15.56 14.40 -4.14
N TYR C 63 -15.70 15.67 -3.80
CA TYR C 63 -14.84 16.20 -2.76
C TYR C 63 -15.66 16.79 -1.64
N GLU C 64 -15.08 16.81 -0.45
CA GLU C 64 -15.79 17.11 0.78
C GLU C 64 -15.04 18.29 1.43
N GLN C 65 -15.66 19.45 1.52
CA GLN C 65 -15.04 20.56 2.21
C GLN C 65 -15.25 20.40 3.72
N GLN C 66 -14.15 20.44 4.46
CA GLN C 66 -14.19 20.32 5.92
C GLN C 66 -13.63 21.60 6.52
N ARG C 67 -14.28 22.12 7.55
CA ARG C 67 -13.77 23.32 8.21
C ARG C 67 -13.92 23.20 9.70
N TRP C 68 -12.90 23.62 10.43
CA TRP C 68 -12.98 23.65 11.88
C TRP C 68 -12.03 24.75 12.35
N LYS C 69 -12.03 25.03 13.65
CA LYS C 69 -11.21 26.12 14.12
C LYS C 69 -10.65 25.76 15.48
N LEU C 70 -9.33 25.98 15.64
CA LEU C 70 -8.64 25.70 16.90
C LEU C 70 -7.98 26.94 17.44
N ASN C 71 -8.19 27.19 18.72
CA ASN C 71 -7.51 28.27 19.42
C ASN C 71 -5.98 28.11 19.42
N SER C 72 -5.49 26.88 19.45
CA SER C 72 -4.05 26.58 19.43
C SER C 72 -3.36 26.80 18.06
N LEU C 73 -4.15 27.12 17.01
CA LEU C 73 -3.57 27.40 15.71
C LEU C 73 -3.60 28.89 15.39
N MET C 74 -3.92 29.70 16.41
CA MET C 74 -4.05 31.14 16.24
C MET C 74 -2.69 31.83 16.33
N TRP C 75 -2.52 32.87 15.51
CA TRP C 75 -1.38 33.75 15.61
C TRP C 75 -1.76 35.19 15.25
N ASP C 76 -0.86 36.10 15.62
CA ASP C 76 -0.98 37.51 15.23
C ASP C 76 -0.10 37.71 14.00
N PRO C 77 -0.71 38.05 12.85
CA PRO C 77 0.06 38.24 11.60
C PRO C 77 1.17 39.31 11.70
N ASN C 78 1.00 40.30 12.58
CA ASN C 78 2.01 41.37 12.75
C ASN C 78 3.28 40.82 13.38
N GLU C 79 3.14 39.76 14.17
CA GLU C 79 4.29 39.09 14.77
C GLU C 79 5.04 38.20 13.78
N TYR C 80 4.48 38.05 12.57
CA TYR C 80 5.01 37.12 11.57
C TYR C 80 5.03 37.66 10.14
N GLY C 81 5.38 38.94 9.99
CA GLY C 81 5.57 39.52 8.66
C GLY C 81 4.28 39.53 7.86
N ASN C 82 3.17 39.73 8.57
CA ASN C 82 1.81 39.75 8.00
C ASN C 82 1.36 38.49 7.21
N ILE C 83 1.95 37.35 7.56
CA ILE C 83 1.42 36.03 7.14
C ILE C 83 -0.01 35.88 7.73
N THR C 84 -1.01 35.68 6.88
CA THR C 84 -2.38 35.51 7.35
C THR C 84 -2.88 34.04 7.26
N ASP C 85 -2.14 33.21 6.52
CA ASP C 85 -2.51 31.81 6.37
C ASP C 85 -1.33 31.05 5.77
N PHE C 86 -1.39 29.71 5.82
CA PHE C 86 -0.40 28.89 5.14
C PHE C 86 -0.94 27.50 4.77
N ARG C 87 -0.25 26.85 3.81
CA ARG C 87 -0.51 25.49 3.47
C ARG C 87 0.35 24.58 4.29
N THR C 88 -0.22 23.46 4.70
CA THR C 88 0.51 22.52 5.51
C THR C 88 0.04 21.09 5.26
N SER C 89 0.97 20.14 5.33
CA SER C 89 0.60 18.74 5.31
C SER C 89 -0.45 18.42 6.36
N ALA C 90 -1.47 17.66 5.98
CA ALA C 90 -2.48 17.25 6.94
C ALA C 90 -1.89 16.37 8.07
N ALA C 91 -0.75 15.71 7.81
CA ALA C 91 -0.02 14.98 8.86
C ALA C 91 0.56 15.87 10.00
N ASP C 92 0.73 17.16 9.76
CA ASP C 92 1.33 18.05 10.74
C ASP C 92 0.29 18.55 11.73
N ILE C 93 -1.00 18.34 11.41
CA ILE C 93 -2.07 18.88 12.24
C ILE C 93 -3.11 17.79 12.60
N TRP C 94 -3.93 18.07 13.62
CA TRP C 94 -5.05 17.19 13.88
C TRP C 94 -6.06 17.32 12.73
N THR C 95 -6.67 16.21 12.30
CA THR C 95 -7.80 16.31 11.36
C THR C 95 -8.96 15.43 11.89
N PRO C 96 -10.22 15.77 11.56
CA PRO C 96 -11.33 14.95 12.04
C PRO C 96 -11.40 13.60 11.28
N ASP C 97 -11.90 12.57 11.95
CA ASP C 97 -11.93 11.23 11.40
C ASP C 97 -13.27 10.98 10.69
N ILE C 98 -13.56 11.80 9.68
CA ILE C 98 -14.88 11.77 9.03
C ILE C 98 -14.91 10.51 8.17
N THR C 99 -15.91 9.66 8.43
CA THR C 99 -15.98 8.30 7.86
C THR C 99 -17.37 8.05 7.32
N ALA C 100 -17.46 7.40 6.18
CA ALA C 100 -18.76 6.92 5.71
C ALA C 100 -19.19 5.70 6.51
N TYR C 101 -20.47 5.63 6.86
CA TYR C 101 -20.95 4.52 7.68
C TYR C 101 -21.17 3.21 6.90
N SER C 102 -21.46 3.28 5.61
CA SER C 102 -21.82 2.08 4.85
C SER C 102 -20.95 1.95 3.62
N SER C 103 -19.67 2.29 3.74
CA SER C 103 -18.75 1.98 2.65
C SER C 103 -18.56 0.45 2.55
N THR C 104 -18.12 0.00 1.37
CA THR C 104 -17.84 -1.43 1.17
C THR C 104 -16.39 -1.68 0.80
N ARG C 105 -15.61 -0.60 0.65
CA ARG C 105 -14.18 -0.65 0.27
CA ARG C 105 -14.17 -0.69 0.33
C ARG C 105 -13.54 0.52 0.96
N PRO C 106 -12.24 0.46 1.26
CA PRO C 106 -11.64 1.67 1.83
C PRO C 106 -11.74 2.82 0.82
N VAL C 107 -11.95 4.03 1.32
N VAL C 107 -11.96 4.04 1.31
CA VAL C 107 -11.98 5.20 0.42
CA VAL C 107 -12.03 5.18 0.37
C VAL C 107 -10.65 5.33 -0.30
C VAL C 107 -10.67 5.38 -0.29
N GLN C 108 -10.70 5.74 -1.57
CA GLN C 108 -9.47 6.01 -2.28
C GLN C 108 -9.29 7.51 -2.38
N VAL C 109 -8.15 8.01 -1.90
CA VAL C 109 -7.93 9.45 -1.87
C VAL C 109 -7.37 9.95 -3.20
N LEU C 110 -7.95 11.02 -3.72
CA LEU C 110 -7.61 11.49 -5.08
C LEU C 110 -6.91 12.85 -5.08
N SER C 111 -6.82 13.48 -3.91
CA SER C 111 -6.15 14.77 -3.84
C SER C 111 -5.06 14.79 -2.78
N PRO C 112 -4.11 15.75 -2.88
CA PRO C 112 -3.02 15.85 -1.89
C PRO C 112 -3.55 16.10 -0.50
N GLN C 113 -2.94 15.46 0.50
CA GLN C 113 -3.34 15.62 1.89
C GLN C 113 -2.65 16.84 2.46
N ILE C 114 -3.14 18.00 2.03
CA ILE C 114 -2.59 19.30 2.43
C ILE C 114 -3.83 20.13 2.77
N ALA C 115 -3.73 20.87 3.87
CA ALA C 115 -4.78 21.74 4.37
C ALA C 115 -4.30 23.18 4.36
N VAL C 116 -5.25 24.09 4.52
CA VAL C 116 -4.92 25.53 4.71
C VAL C 116 -5.28 25.98 6.12
N VAL C 117 -4.31 26.58 6.81
CA VAL C 117 -4.53 27.11 8.14
C VAL C 117 -4.52 28.66 8.09
N THR C 118 -5.49 29.28 8.75
CA THR C 118 -5.62 30.74 8.77
C THR C 118 -5.28 31.27 10.17
N HIS C 119 -4.95 32.56 10.27
CA HIS C 119 -4.40 33.13 11.50
C HIS C 119 -5.42 33.18 12.65
N ASP C 120 -6.71 33.14 12.32
CA ASP C 120 -7.79 33.01 13.33
C ASP C 120 -7.92 31.58 13.85
N GLY C 121 -7.06 30.68 13.38
CA GLY C 121 -7.04 29.32 13.85
C GLY C 121 -7.96 28.40 13.07
N SER C 122 -8.61 28.91 12.04
CA SER C 122 -9.50 28.09 11.24
C SER C 122 -8.71 27.26 10.25
N VAL C 123 -9.21 26.06 9.92
CA VAL C 123 -8.51 25.13 9.03
C VAL C 123 -9.50 24.75 7.96
N MET C 124 -9.02 24.64 6.72
CA MET C 124 -9.87 24.16 5.62
C MET C 124 -9.15 22.99 4.97
N PHE C 125 -9.89 21.91 4.74
CA PHE C 125 -9.30 20.71 4.13
C PHE C 125 -10.36 20.13 3.16
N ILE C 126 -9.96 19.87 1.92
CA ILE C 126 -10.89 19.48 0.86
C ILE C 126 -10.47 18.22 0.15
N PRO C 127 -10.56 17.07 0.85
CA PRO C 127 -10.14 15.79 0.22
C PRO C 127 -11.12 15.36 -0.88
N ALA C 128 -10.57 14.99 -2.04
CA ALA C 128 -11.34 14.32 -3.09
C ALA C 128 -11.21 12.79 -2.92
N GLN C 129 -12.28 12.05 -3.13
CA GLN C 129 -12.32 10.62 -2.75
C GLN C 129 -13.11 9.87 -3.81
N ARG C 130 -12.77 8.60 -4.03
CA ARG C 130 -13.67 7.64 -4.70
C ARG C 130 -14.19 6.70 -3.59
N LEU C 131 -15.52 6.59 -3.49
CA LEU C 131 -16.17 5.78 -2.44
C LEU C 131 -17.08 4.72 -3.06
N SER C 132 -16.97 3.44 -2.63
CA SER C 132 -17.98 2.44 -2.94
C SER C 132 -18.83 2.32 -1.70
N PHE C 133 -20.16 2.37 -1.86
CA PHE C 133 -21.05 2.25 -0.69
C PHE C 133 -22.32 1.50 -1.04
N MET C 134 -23.05 1.09 -0.01
CA MET C 134 -24.22 0.23 -0.17
C MET C 134 -25.36 1.01 -0.82
N CYS C 135 -25.78 0.53 -1.98
CA CYS C 135 -26.82 1.21 -2.74
C CYS C 135 -27.41 0.23 -3.74
N ASP C 136 -28.73 0.11 -3.72
CA ASP C 136 -29.47 -0.70 -4.69
C ASP C 136 -29.90 0.22 -5.83
N PRO C 137 -29.32 0.05 -7.03
CA PRO C 137 -29.67 0.94 -8.11
C PRO C 137 -30.92 0.49 -8.91
N THR C 138 -31.73 -0.39 -8.35
CA THR C 138 -33.03 -0.74 -8.99
C THR C 138 -33.80 0.56 -9.24
N GLY C 139 -34.22 0.77 -10.49
CA GLY C 139 -35.04 1.94 -10.83
C GLY C 139 -34.25 3.01 -11.57
N VAL C 140 -32.93 2.83 -11.65
CA VAL C 140 -32.06 3.79 -12.34
C VAL C 140 -32.48 3.99 -13.83
N ASP C 141 -33.06 2.94 -14.42
CA ASP C 141 -33.56 2.95 -15.79
C ASP C 141 -35.03 3.41 -15.83
N SER C 142 -35.44 4.22 -14.87
CA SER C 142 -36.80 4.75 -14.85
C SER C 142 -36.77 6.27 -14.70
N GLU C 143 -37.90 6.93 -14.96
CA GLU C 143 -37.95 8.38 -14.85
C GLU C 143 -37.60 8.90 -13.44
N GLU C 144 -38.07 8.20 -12.41
CA GLU C 144 -37.84 8.65 -11.03
C GLU C 144 -36.45 8.28 -10.48
N GLY C 145 -35.76 7.39 -11.21
CA GLY C 145 -34.41 6.94 -10.86
C GLY C 145 -34.35 6.11 -9.59
N ALA C 146 -33.12 5.93 -9.10
CA ALA C 146 -32.88 5.18 -7.87
C ALA C 146 -32.54 6.21 -6.81
N THR C 147 -32.77 5.89 -5.55
CA THR C 147 -32.35 6.75 -4.44
C THR C 147 -31.47 5.96 -3.48
N CYS C 148 -30.32 6.55 -3.13
CA CYS C 148 -29.37 5.94 -2.20
C CYS C 148 -28.91 6.97 -1.21
N ALA C 149 -28.40 6.52 -0.06
CA ALA C 149 -27.99 7.45 0.97
C ALA C 149 -26.77 6.90 1.69
N VAL C 150 -25.91 7.79 2.17
CA VAL C 150 -24.75 7.35 2.97
C VAL C 150 -24.47 8.42 4.02
N LYS C 151 -24.30 7.98 5.26
CA LYS C 151 -24.02 8.88 6.38
C LYS C 151 -22.53 9.05 6.56
N PHE C 152 -22.10 10.26 6.90
CA PHE C 152 -20.70 10.60 7.14
C PHE C 152 -20.59 11.24 8.50
N GLY C 153 -19.61 10.83 9.30
CA GLY C 153 -19.37 11.57 10.54
C GLY C 153 -18.17 11.02 11.23
N SER C 154 -17.90 11.52 12.43
CA SER C 154 -16.81 10.98 13.21
C SER C 154 -17.12 9.53 13.59
N TRP C 155 -16.11 8.67 13.45
CA TRP C 155 -16.32 7.28 13.87
C TRP C 155 -16.28 7.13 15.37
N VAL C 156 -15.44 7.92 16.03
CA VAL C 156 -15.19 7.71 17.46
C VAL C 156 -15.61 8.83 18.43
N TYR C 157 -15.91 10.02 17.90
CA TYR C 157 -16.26 11.17 18.73
C TYR C 157 -17.76 11.35 18.74
N SER C 158 -18.35 11.37 19.95
CA SER C 158 -19.78 11.59 20.09
C SER C 158 -20.14 13.05 19.81
N GLY C 159 -21.44 13.33 19.78
CA GLY C 159 -21.97 14.70 19.67
C GLY C 159 -21.55 15.62 20.80
N PHE C 160 -21.03 15.06 21.89
CA PHE C 160 -20.53 15.89 22.99
C PHE C 160 -19.08 16.35 22.76
N GLU C 161 -18.40 15.78 21.76
CA GLU C 161 -17.00 16.15 21.45
C GLU C 161 -16.85 16.81 20.07
N ILE C 162 -17.51 16.19 19.07
CA ILE C 162 -17.56 16.72 17.70
C ILE C 162 -19.02 16.87 17.28
N ASP C 163 -19.37 18.13 17.02
CA ASP C 163 -20.62 18.44 16.37
C ASP C 163 -20.36 18.69 14.88
N LEU C 164 -21.34 18.37 14.05
CA LEU C 164 -21.26 18.63 12.61
C LEU C 164 -22.31 19.63 12.18
N LYS C 165 -21.99 20.44 11.18
CA LYS C 165 -22.92 21.42 10.61
C LYS C 165 -22.74 21.39 9.13
N THR C 166 -23.77 21.80 8.38
CA THR C 166 -23.62 22.05 6.95
C THR C 166 -23.80 23.57 6.73
N ASP C 167 -23.35 24.12 5.59
CA ASP C 167 -23.69 25.53 5.26
C ASP C 167 -25.01 25.60 4.53
N THR C 168 -25.39 24.49 3.88
CA THR C 168 -26.62 24.38 3.10
C THR C 168 -27.01 22.91 3.03
N ASP C 169 -28.29 22.59 2.88
CA ASP C 169 -28.62 21.20 2.68
C ASP C 169 -28.52 20.74 1.23
N GLN C 170 -28.05 21.61 0.33
CA GLN C 170 -27.94 21.22 -1.10
C GLN C 170 -26.51 20.84 -1.42
N VAL C 171 -26.30 19.64 -1.96
CA VAL C 171 -24.99 19.21 -2.42
C VAL C 171 -24.63 20.07 -3.63
N ASP C 172 -23.34 20.42 -3.76
CA ASP C 172 -22.88 21.23 -4.87
C ASP C 172 -22.77 20.37 -6.12
N LEU C 173 -23.61 20.66 -7.10
CA LEU C 173 -23.63 19.93 -8.37
C LEU C 173 -23.02 20.71 -9.54
N SER C 174 -22.39 21.83 -9.25
CA SER C 174 -21.86 22.70 -10.29
C SER C 174 -20.63 22.12 -11.02
N SER C 175 -20.04 21.06 -10.42
CA SER C 175 -18.93 20.36 -11.03
C SER C 175 -19.28 18.93 -11.39
N TYR C 176 -20.56 18.60 -11.51
CA TYR C 176 -20.94 17.23 -11.83
C TYR C 176 -20.63 16.94 -13.29
N TYR C 177 -20.05 15.77 -13.55
CA TYR C 177 -19.59 15.41 -14.90
C TYR C 177 -20.76 15.36 -15.90
N ALA C 178 -20.73 16.29 -16.87
CA ALA C 178 -21.81 16.46 -17.87
C ALA C 178 -22.08 15.18 -18.69
N SER C 179 -21.07 14.35 -18.90
CA SER C 179 -21.26 13.12 -19.66
C SER C 179 -21.18 11.82 -18.87
N SER C 180 -21.45 11.88 -17.56
CA SER C 180 -21.58 10.68 -16.72
C SER C 180 -22.63 9.73 -17.29
N LYS C 181 -22.50 8.43 -17.02
CA LYS C 181 -23.60 7.48 -17.35
C LYS C 181 -24.89 7.77 -16.61
N TYR C 182 -24.79 8.51 -15.51
CA TYR C 182 -25.93 8.78 -14.62
C TYR C 182 -26.14 10.25 -14.45
N GLU C 183 -27.39 10.69 -14.52
CA GLU C 183 -27.69 12.09 -14.22
C GLU C 183 -28.26 12.21 -12.83
N ILE C 184 -27.98 13.33 -12.18
CA ILE C 184 -28.44 13.59 -10.82
C ILE C 184 -29.80 14.28 -10.84
N LEU C 185 -30.77 13.69 -10.16
CA LEU C 185 -32.11 14.28 -10.03
C LEU C 185 -32.18 15.17 -8.81
N SER C 186 -31.43 14.80 -7.77
CA SER C 186 -31.33 15.59 -6.57
C SER C 186 -30.25 15.03 -5.68
N ALA C 187 -29.65 15.90 -4.87
CA ALA C 187 -28.60 15.50 -3.94
C ALA C 187 -28.66 16.42 -2.74
N THR C 188 -28.91 15.86 -1.56
CA THR C 188 -29.04 16.70 -0.34
C THR C 188 -28.05 16.25 0.72
N GLN C 189 -27.74 17.10 1.68
CA GLN C 189 -26.81 16.72 2.75
C GLN C 189 -27.43 17.26 4.03
N THR C 190 -27.73 16.39 4.99
CA THR C 190 -28.56 16.81 6.12
C THR C 190 -28.02 16.20 7.40
N ARG C 191 -27.84 17.04 8.41
CA ARG C 191 -27.33 16.59 9.70
C ARG C 191 -28.38 15.71 10.41
N GLN C 192 -27.90 14.65 11.08
CA GLN C 192 -28.72 13.72 11.81
C GLN C 192 -28.06 13.33 13.12
N VAL C 193 -28.86 12.82 14.05
CA VAL C 193 -28.36 12.30 15.34
C VAL C 193 -28.58 10.79 15.35
N GLN C 194 -27.55 10.04 15.72
CA GLN C 194 -27.67 8.58 15.83
C GLN C 194 -27.20 8.08 17.23
N HIS C 195 -27.64 6.88 17.62
CA HIS C 195 -27.01 6.17 18.72
C HIS C 195 -26.55 4.83 18.17
N TYR C 196 -25.41 4.37 18.66
CA TYR C 196 -24.81 3.10 18.27
C TYR C 196 -24.84 2.20 19.51
N SER C 197 -24.72 0.89 19.31
CA SER C 197 -24.97 -0.03 20.44
C SER C 197 -23.94 0.04 21.56
N CYS C 198 -22.73 0.48 21.25
CA CYS C 198 -21.65 0.46 22.23
C CYS C 198 -21.87 1.40 23.41
N CYS C 199 -22.61 2.49 23.15
CA CYS C 199 -22.47 3.74 23.92
C CYS C 199 -23.80 4.47 24.09
N PRO C 200 -23.99 5.14 25.24
CA PRO C 200 -25.23 5.87 25.45
C PRO C 200 -25.26 7.25 24.74
N GLU C 201 -24.09 7.78 24.36
CA GLU C 201 -23.99 9.13 23.82
C GLU C 201 -24.49 9.21 22.38
N PRO C 202 -25.14 10.33 22.00
CA PRO C 202 -25.54 10.47 20.60
C PRO C 202 -24.33 10.85 19.73
N TYR C 203 -24.34 10.40 18.49
CA TYR C 203 -23.28 10.60 17.50
C TYR C 203 -23.91 11.34 16.34
N ILE C 204 -23.15 12.24 15.71
CA ILE C 204 -23.74 13.13 14.71
C ILE C 204 -23.22 12.69 13.34
N ASP C 205 -24.08 12.73 12.33
CA ASP C 205 -23.68 12.43 10.97
C ASP C 205 -24.27 13.46 10.02
N VAL C 206 -23.70 13.55 8.82
CA VAL C 206 -24.34 14.23 7.73
C VAL C 206 -24.72 13.15 6.72
N ASN C 207 -26.00 13.11 6.43
CA ASN C 207 -26.55 12.13 5.48
C ASN C 207 -26.62 12.67 4.02
N LEU C 208 -25.92 11.98 3.12
CA LEU C 208 -25.83 12.39 1.73
C LEU C 208 -26.88 11.55 1.07
N VAL C 209 -27.91 12.19 0.46
CA VAL C 209 -28.98 11.43 -0.22
C VAL C 209 -28.92 11.82 -1.70
N VAL C 210 -28.84 10.84 -2.60
CA VAL C 210 -28.69 11.13 -4.03
C VAL C 210 -29.74 10.35 -4.83
N LYS C 211 -30.45 11.06 -5.70
CA LYS C 211 -31.42 10.43 -6.58
C LYS C 211 -30.86 10.60 -7.96
N PHE C 212 -30.73 9.51 -8.69
CA PHE C 212 -30.03 9.56 -9.97
C PHE C 212 -30.68 8.59 -10.94
N ARG C 213 -30.37 8.76 -12.21
CA ARG C 213 -30.89 7.85 -13.23
C ARG C 213 -29.98 7.80 -14.45
N GLU C 214 -30.08 6.72 -15.21
CA GLU C 214 -29.33 6.55 -16.45
C GLU C 214 -29.66 7.69 -17.40
N ARG C 215 -28.62 8.35 -17.94
CA ARG C 215 -28.76 9.49 -18.83
C ARG C 215 -29.46 9.03 -20.14
N LYS D 7 38.20 10.69 -8.38
CA LYS D 7 36.80 10.20 -8.17
C LYS D 7 36.35 10.33 -6.71
N LEU D 8 37.32 10.13 -5.80
CA LEU D 8 37.12 10.40 -4.37
C LEU D 8 36.67 11.83 -4.10
N HIS D 9 37.34 12.78 -4.74
CA HIS D 9 37.07 14.19 -4.57
C HIS D 9 35.69 14.55 -5.09
N SER D 10 35.34 14.02 -6.25
CA SER D 10 34.06 14.34 -6.89
C SER D 10 32.89 13.86 -6.04
N GLN D 11 33.01 12.68 -5.46
CA GLN D 11 31.98 12.16 -4.56
C GLN D 11 31.88 13.06 -3.35
N ALA D 12 33.03 13.39 -2.77
CA ALA D 12 33.07 14.26 -1.60
C ALA D 12 32.45 15.62 -1.92
N ASN D 13 32.75 16.16 -3.10
CA ASN D 13 32.19 17.44 -3.54
C ASN D 13 30.66 17.41 -3.64
N LEU D 14 30.13 16.32 -4.19
CA LEU D 14 28.67 16.18 -4.31
C LEU D 14 28.01 16.00 -2.96
N MET D 15 28.59 15.14 -2.12
CA MET D 15 28.04 14.94 -0.79
C MET D 15 28.02 16.26 0.01
N ARG D 16 29.09 17.04 -0.11
CA ARG D 16 29.19 18.37 0.51
C ARG D 16 28.13 19.34 0.02
N LEU D 17 27.95 19.41 -1.29
CA LEU D 17 26.89 20.23 -1.87
C LEU D 17 25.52 19.88 -1.31
N LYS D 18 25.18 18.58 -1.35
CA LYS D 18 23.87 18.13 -0.89
C LYS D 18 23.66 18.47 0.59
N SER D 19 24.68 18.23 1.39
CA SER D 19 24.66 18.59 2.82
C SER D 19 24.49 20.09 3.04
N ASP D 20 25.23 20.91 2.31
CA ASP D 20 25.08 22.36 2.39
C ASP D 20 23.65 22.82 2.04
N LEU D 21 23.09 22.26 0.98
CA LEU D 21 21.76 22.64 0.53
C LEU D 21 20.64 22.12 1.44
N PHE D 22 20.77 20.88 1.91
CA PHE D 22 19.68 20.19 2.61
C PHE D 22 19.80 20.21 4.13
N ASN D 23 21.01 20.46 4.65
CA ASN D 23 21.23 20.54 6.12
C ASN D 23 21.59 21.95 6.61
N ARG D 24 22.75 22.46 6.20
CA ARG D 24 23.27 23.74 6.69
C ARG D 24 22.50 24.97 6.16
N SER D 25 21.43 24.74 5.40
CA SER D 25 20.58 25.82 4.90
C SER D 25 19.13 25.52 5.19
N PRO D 26 18.33 26.56 5.49
CA PRO D 26 16.90 26.33 5.68
C PRO D 26 16.19 26.10 4.34
N TYR D 28 12.19 24.44 2.59
CA TYR D 28 11.48 25.45 1.81
C TYR D 28 10.03 25.18 2.09
N PRO D 29 9.37 26.12 2.80
CA PRO D 29 8.02 25.89 3.31
C PRO D 29 6.96 25.94 2.21
N GLY D 30 7.39 25.97 0.96
CA GLY D 30 6.51 26.07 -0.18
C GLY D 30 6.34 27.52 -0.60
N PRO D 31 5.65 27.75 -1.74
CA PRO D 31 5.38 29.11 -2.19
C PRO D 31 4.37 29.84 -1.31
N THR D 32 4.46 31.18 -1.35
CA THR D 32 3.55 32.06 -0.62
C THR D 32 3.14 33.22 -1.55
N LYS D 33 2.16 34.03 -1.13
CA LYS D 33 1.74 35.22 -1.89
C LYS D 33 2.94 36.17 -2.06
N ASP D 34 3.82 36.16 -1.07
CA ASP D 34 4.99 37.03 -1.10
C ASP D 34 6.16 36.47 -1.89
N ASP D 35 6.16 35.14 -2.05
CA ASP D 35 7.21 34.44 -2.78
C ASP D 35 6.55 33.38 -3.66
N PRO D 36 5.84 33.82 -4.73
CA PRO D 36 5.11 32.91 -5.59
C PRO D 36 6.03 32.14 -6.54
N LEU D 37 5.55 31.03 -7.05
CA LEU D 37 6.37 30.20 -7.92
C LEU D 37 5.61 29.93 -9.20
N THR D 38 6.30 29.92 -10.34
CA THR D 38 5.67 29.46 -11.59
C THR D 38 6.21 28.07 -11.94
N VAL D 39 5.29 27.12 -12.16
CA VAL D 39 5.65 25.76 -12.57
C VAL D 39 5.34 25.63 -14.05
N THR D 40 6.32 25.20 -14.84
CA THR D 40 6.06 24.89 -16.24
C THR D 40 5.68 23.43 -16.30
N LEU D 41 4.58 23.11 -16.98
CA LEU D 41 4.06 21.76 -17.14
C LEU D 41 3.96 21.41 -18.61
N GLY D 42 4.27 20.17 -18.95
CA GLY D 42 4.01 19.66 -20.29
C GLY D 42 3.75 18.16 -20.19
N PHE D 43 3.01 17.63 -21.14
CA PHE D 43 2.65 16.22 -21.15
C PHE D 43 3.21 15.52 -22.36
N THR D 44 3.64 14.28 -22.15
CA THR D 44 4.04 13.35 -23.22
C THR D 44 3.11 12.16 -23.09
N LEU D 45 2.22 11.97 -24.07
CA LEU D 45 1.24 10.93 -23.99
C LEU D 45 1.82 9.68 -24.64
N GLN D 46 1.90 8.60 -23.86
CA GLN D 46 2.43 7.33 -24.33
C GLN D 46 1.40 6.33 -24.81
N ASP D 47 0.24 6.29 -24.15
CA ASP D 47 -0.77 5.30 -24.51
C ASP D 47 -2.15 5.65 -23.97
N ILE D 48 -3.18 5.45 -24.78
CA ILE D 48 -4.54 5.32 -24.27
C ILE D 48 -4.76 3.82 -24.16
N VAL D 49 -4.78 3.33 -22.91
CA VAL D 49 -4.76 1.89 -22.64
C VAL D 49 -6.14 1.29 -22.76
N LYS D 50 -7.15 1.98 -22.22
CA LYS D 50 -8.49 1.41 -22.08
C LYS D 50 -9.49 2.56 -22.13
N ALA D 51 -10.63 2.33 -22.78
CA ALA D 51 -11.72 3.26 -22.75
C ALA D 51 -12.96 2.46 -22.39
N ASP D 52 -13.57 2.78 -21.26
CA ASP D 52 -14.60 1.93 -20.70
C ASP D 52 -15.92 2.64 -20.91
N SER D 53 -16.66 2.21 -21.92
CA SER D 53 -17.93 2.83 -22.25
C SER D 53 -19.03 2.53 -21.24
N SER D 54 -18.81 1.57 -20.33
CA SER D 54 -19.81 1.26 -19.31
C SER D 54 -19.76 2.18 -18.09
N THR D 55 -18.60 2.80 -17.84
CA THR D 55 -18.44 3.70 -16.69
C THR D 55 -18.00 5.10 -17.14
N ASN D 56 -17.75 5.27 -18.45
CA ASN D 56 -17.15 6.51 -18.96
C ASN D 56 -15.86 6.93 -18.21
N GLU D 57 -14.93 5.99 -18.19
CA GLU D 57 -13.59 6.20 -17.69
C GLU D 57 -12.60 5.86 -18.78
N VAL D 58 -11.58 6.70 -18.94
CA VAL D 58 -10.48 6.35 -19.85
C VAL D 58 -9.17 6.27 -19.08
N ASP D 59 -8.32 5.32 -19.47
CA ASP D 59 -7.01 5.17 -18.83
C ASP D 59 -5.86 5.59 -19.75
N LEU D 60 -5.03 6.52 -19.26
CA LEU D 60 -3.91 7.07 -20.05
C LEU D 60 -2.61 6.78 -19.33
N VAL D 61 -1.56 6.55 -20.10
CA VAL D 61 -0.21 6.48 -19.55
C VAL D 61 0.52 7.66 -20.16
N TYR D 62 1.13 8.48 -19.33
CA TYR D 62 1.84 9.67 -19.81
C TYR D 62 2.96 10.06 -18.87
N TYR D 63 3.85 10.94 -19.34
CA TYR D 63 4.90 11.51 -18.50
C TYR D 63 4.54 12.96 -18.40
N GLU D 64 4.66 13.50 -17.20
CA GLU D 64 4.35 14.86 -16.92
C GLU D 64 5.65 15.61 -16.61
N GLN D 65 6.12 16.46 -17.52
CA GLN D 65 7.33 17.24 -17.26
C GLN D 65 6.96 18.47 -16.41
N GLN D 66 7.61 18.57 -15.25
CA GLN D 66 7.46 19.69 -14.31
C GLN D 66 8.79 20.41 -14.19
N ARG D 67 8.78 21.74 -14.26
CA ARG D 67 9.99 22.53 -14.00
C ARG D 67 9.67 23.74 -13.13
N TRP D 68 10.53 24.05 -12.18
CA TRP D 68 10.38 25.26 -11.37
C TRP D 68 11.78 25.65 -10.91
N LYS D 69 11.91 26.81 -10.29
CA LYS D 69 13.21 27.29 -9.87
C LYS D 69 13.11 27.93 -8.50
N LEU D 70 14.03 27.55 -7.63
CA LEU D 70 14.13 28.09 -6.26
C LEU D 70 15.50 28.72 -6.03
N ASN D 71 15.53 29.94 -5.48
CA ASN D 71 16.78 30.57 -5.11
C ASN D 71 17.56 29.76 -4.08
N SER D 72 16.85 29.08 -3.20
CA SER D 72 17.48 28.23 -2.16
C SER D 72 18.17 26.96 -2.70
N LEU D 73 17.96 26.64 -3.97
CA LEU D 73 18.67 25.51 -4.56
C LEU D 73 19.85 25.96 -5.42
N MET D 74 20.21 27.24 -5.35
CA MET D 74 21.30 27.77 -6.21
C MET D 74 22.64 27.49 -5.56
N TRP D 75 23.63 27.20 -6.39
CA TRP D 75 25.03 27.16 -5.95
C TRP D 75 25.99 27.61 -7.02
N ASP D 76 27.23 27.90 -6.60
CA ASP D 76 28.32 28.24 -7.50
C ASP D 76 29.11 26.98 -7.80
N PRO D 77 29.05 26.50 -9.05
CA PRO D 77 29.80 25.30 -9.38
C PRO D 77 31.28 25.39 -9.04
N ASN D 78 31.83 26.61 -9.03
CA ASN D 78 33.26 26.77 -8.73
C ASN D 78 33.63 26.42 -7.29
N GLU D 79 32.64 26.44 -6.40
CA GLU D 79 32.82 26.08 -4.99
C GLU D 79 32.68 24.57 -4.78
N TYR D 80 32.21 23.86 -5.79
CA TYR D 80 31.92 22.43 -5.66
C TYR D 80 32.49 21.57 -6.80
N GLY D 81 33.73 21.83 -7.18
CA GLY D 81 34.39 21.03 -8.21
C GLY D 81 33.70 21.03 -9.56
N ASN D 82 33.07 22.14 -9.90
CA ASN D 82 32.35 22.33 -11.17
C ASN D 82 31.14 21.38 -11.37
N ILE D 83 30.57 20.93 -10.26
CA ILE D 83 29.28 20.24 -10.31
C ILE D 83 28.27 21.29 -10.75
N THR D 84 27.56 21.00 -11.83
CA THR D 84 26.56 21.89 -12.38
C THR D 84 25.09 21.39 -12.18
N ASP D 85 24.92 20.11 -11.92
CA ASP D 85 23.59 19.57 -11.58
C ASP D 85 23.75 18.30 -10.78
N PHE D 86 22.64 17.81 -10.21
CA PHE D 86 22.68 16.53 -9.54
C PHE D 86 21.29 15.89 -9.52
N ARG D 87 21.28 14.58 -9.39
CA ARG D 87 20.05 13.81 -9.23
C ARG D 87 19.79 13.63 -7.75
N THR D 88 18.53 13.75 -7.33
CA THR D 88 18.20 13.52 -5.94
C THR D 88 16.78 12.97 -5.78
N SER D 89 16.58 12.21 -4.71
CA SER D 89 15.24 11.75 -4.38
C SER D 89 14.25 12.93 -4.32
N ALA D 90 13.08 12.76 -4.96
CA ALA D 90 12.02 13.76 -4.88
C ALA D 90 11.58 14.02 -3.44
N ALA D 91 11.83 13.07 -2.53
CA ALA D 91 11.58 13.29 -1.08
C ALA D 91 12.47 14.34 -0.40
N ASP D 92 13.67 14.58 -0.94
CA ASP D 92 14.62 15.55 -0.36
C ASP D 92 14.26 16.99 -0.62
N ILE D 93 13.31 17.22 -1.54
CA ILE D 93 12.98 18.57 -1.97
C ILE D 93 11.45 18.78 -1.96
N TRP D 94 11.06 20.05 -2.06
CA TRP D 94 9.67 20.40 -2.22
C TRP D 94 9.27 20.09 -3.66
N THR D 95 8.07 19.58 -3.87
CA THR D 95 7.58 19.38 -5.23
C THR D 95 6.11 19.83 -5.25
N PRO D 96 5.65 20.37 -6.39
CA PRO D 96 4.29 20.90 -6.52
C PRO D 96 3.23 19.79 -6.47
N ASP D 97 2.05 20.11 -5.93
CA ASP D 97 0.99 19.13 -5.76
C ASP D 97 0.09 19.09 -6.99
N ILE D 98 0.68 18.78 -8.14
CA ILE D 98 -0.05 18.79 -9.40
C ILE D 98 -1.02 17.59 -9.43
N THR D 99 -2.30 17.88 -9.62
CA THR D 99 -3.39 16.93 -9.43
C THR D 99 -4.34 17.06 -10.61
N ALA D 100 -4.76 15.92 -11.15
CA ALA D 100 -5.87 15.90 -12.11
C ALA D 100 -7.17 16.22 -11.40
N TYR D 101 -8.01 17.06 -12.01
CA TYR D 101 -9.28 17.47 -11.38
C TYR D 101 -10.37 16.41 -11.45
N SER D 102 -10.32 15.56 -12.47
CA SER D 102 -11.42 14.62 -12.69
C SER D 102 -10.92 13.19 -12.80
N SER D 103 -9.90 12.83 -11.99
CA SER D 103 -9.50 11.39 -11.83
C SER D 103 -10.60 10.61 -11.17
N THR D 104 -10.64 9.31 -11.44
CA THR D 104 -11.61 8.46 -10.76
C THR D 104 -10.94 7.41 -9.91
N ARG D 105 -9.61 7.39 -9.92
N ARG D 105 -9.61 7.42 -9.92
CA ARG D 105 -8.83 6.46 -9.09
CA ARG D 105 -8.78 6.45 -9.17
C ARG D 105 -7.51 7.17 -8.80
C ARG D 105 -7.49 7.20 -8.81
N PRO D 106 -6.79 6.80 -7.73
CA PRO D 106 -5.50 7.40 -7.46
C PRO D 106 -4.55 7.10 -8.63
N VAL D 107 -3.74 8.07 -9.00
N VAL D 107 -3.73 8.06 -8.99
CA VAL D 107 -2.76 7.83 -10.07
CA VAL D 107 -2.76 7.88 -10.08
C VAL D 107 -1.83 6.70 -9.64
C VAL D 107 -1.73 6.81 -9.67
N GLN D 108 -1.37 5.92 -10.60
CA GLN D 108 -0.35 4.94 -10.33
C GLN D 108 0.99 5.46 -10.86
N VAL D 109 2.00 5.49 -9.98
CA VAL D 109 3.31 6.03 -10.37
C VAL D 109 4.14 4.95 -11.05
N LEU D 110 4.67 5.28 -12.23
CA LEU D 110 5.35 4.30 -13.08
C LEU D 110 6.87 4.54 -13.22
N SER D 111 7.38 5.64 -12.68
CA SER D 111 8.83 5.89 -12.76
C SER D 111 9.37 6.19 -11.38
N PRO D 112 10.72 6.07 -11.19
CA PRO D 112 11.46 6.42 -9.99
C PRO D 112 11.21 7.86 -9.58
N GLN D 113 11.02 8.11 -8.30
CA GLN D 113 10.71 9.47 -7.84
C GLN D 113 11.99 10.24 -7.55
N ILE D 114 12.64 10.67 -8.63
CA ILE D 114 13.97 11.29 -8.59
C ILE D 114 13.91 12.49 -9.49
N ALA D 115 14.48 13.60 -9.01
CA ALA D 115 14.47 14.86 -9.77
C ALA D 115 15.90 15.27 -10.09
N VAL D 116 16.05 16.28 -10.95
CA VAL D 116 17.37 16.81 -11.30
C VAL D 116 17.38 18.27 -10.93
N VAL D 117 18.36 18.65 -10.11
CA VAL D 117 18.53 20.01 -9.64
C VAL D 117 19.75 20.59 -10.36
N THR D 118 19.64 21.82 -10.85
CA THR D 118 20.73 22.46 -11.59
C THR D 118 21.19 23.67 -10.77
N HIS D 119 22.44 24.10 -10.99
CA HIS D 119 23.08 25.12 -10.14
C HIS D 119 22.38 26.49 -10.13
N ASP D 120 21.54 26.75 -11.13
CA ASP D 120 20.78 28.01 -11.17
C ASP D 120 19.52 27.91 -10.31
N GLY D 121 19.39 26.80 -9.58
CA GLY D 121 18.23 26.59 -8.70
C GLY D 121 17.06 25.94 -9.43
N SER D 122 17.19 25.65 -10.72
CA SER D 122 16.05 25.05 -11.42
C SER D 122 15.96 23.55 -11.15
N VAL D 123 14.73 23.02 -11.12
CA VAL D 123 14.46 21.61 -10.84
C VAL D 123 13.63 21.04 -12.01
N MET D 124 13.97 19.83 -12.44
CA MET D 124 13.17 19.11 -13.41
C MET D 124 12.73 17.77 -12.81
N PHE D 125 11.47 17.46 -13.00
CA PHE D 125 10.95 16.24 -12.42
C PHE D 125 9.92 15.72 -13.41
N ILE D 126 10.02 14.46 -13.79
CA ILE D 126 9.20 13.89 -14.89
C ILE D 126 8.56 12.55 -14.48
N PRO D 127 7.53 12.60 -13.61
CA PRO D 127 6.84 11.37 -13.21
C PRO D 127 6.02 10.81 -14.36
N ALA D 128 6.16 9.51 -14.60
CA ALA D 128 5.31 8.75 -15.52
C ALA D 128 4.18 8.21 -14.67
N GLN D 129 2.96 8.21 -15.21
CA GLN D 129 1.79 7.85 -14.42
C GLN D 129 0.74 7.14 -15.26
N ARG D 130 -0.04 6.26 -14.63
CA ARG D 130 -1.31 5.81 -15.22
C ARG D 130 -2.45 6.54 -14.51
N LEU D 131 -3.35 7.14 -15.31
CA LEU D 131 -4.47 7.92 -14.79
C LEU D 131 -5.79 7.37 -15.36
N SER D 132 -6.79 7.10 -14.51
CA SER D 132 -8.17 6.88 -14.99
C SER D 132 -8.89 8.21 -14.79
N PHE D 133 -9.59 8.69 -15.81
CA PHE D 133 -10.31 9.98 -15.63
C PHE D 133 -11.63 9.95 -16.37
N MET D 134 -12.50 10.92 -16.08
CA MET D 134 -13.87 10.91 -16.56
C MET D 134 -13.88 11.24 -18.04
N CYS D 135 -14.32 10.29 -18.87
CA CYS D 135 -14.30 10.49 -20.31
C CYS D 135 -15.36 9.60 -20.95
N ASP D 136 -16.23 10.20 -21.75
CA ASP D 136 -17.22 9.45 -22.51
C ASP D 136 -16.62 9.11 -23.89
N PRO D 137 -16.34 7.83 -24.11
CA PRO D 137 -15.72 7.52 -25.40
C PRO D 137 -16.68 7.40 -26.61
N THR D 138 -17.91 7.88 -26.50
CA THR D 138 -18.85 7.77 -27.65
C THR D 138 -18.23 8.40 -28.88
N GLY D 139 -18.24 7.69 -30.02
CA GLY D 139 -17.65 8.23 -31.24
C GLY D 139 -16.29 7.65 -31.55
N VAL D 140 -15.69 6.98 -30.58
CA VAL D 140 -14.34 6.46 -30.73
C VAL D 140 -14.32 5.42 -31.88
N ASP D 141 -15.48 4.84 -32.17
CA ASP D 141 -15.63 3.89 -33.27
C ASP D 141 -16.07 4.56 -34.60
N SER D 142 -15.84 5.85 -34.72
CA SER D 142 -16.22 6.61 -35.92
C SER D 142 -15.01 7.40 -36.42
N GLU D 143 -15.08 7.89 -37.66
CA GLU D 143 -13.99 8.66 -38.25
C GLU D 143 -13.66 9.92 -37.43
N GLU D 144 -14.67 10.53 -36.83
CA GLU D 144 -14.48 11.78 -36.11
C GLU D 144 -13.91 11.56 -34.69
N GLY D 145 -14.04 10.33 -34.17
CA GLY D 145 -13.46 9.95 -32.85
C GLY D 145 -14.21 10.51 -31.64
N ALA D 146 -13.61 10.34 -30.45
CA ALA D 146 -14.11 10.88 -29.19
C ALA D 146 -13.21 12.01 -28.76
N THR D 147 -13.76 13.01 -28.06
CA THR D 147 -12.93 14.05 -27.46
C THR D 147 -13.15 14.09 -25.95
N CYS D 148 -12.06 14.13 -25.19
CA CYS D 148 -12.19 14.27 -23.72
C CYS D 148 -11.14 15.23 -23.25
N ALA D 149 -11.28 15.69 -22.01
CA ALA D 149 -10.38 16.70 -21.46
C ALA D 149 -10.19 16.46 -19.95
N VAL D 150 -9.01 16.83 -19.44
CA VAL D 150 -8.78 16.72 -18.00
C VAL D 150 -7.87 17.86 -17.60
N LYS D 151 -8.19 18.54 -16.50
CA LYS D 151 -7.40 19.67 -16.04
C LYS D 151 -6.41 19.22 -14.97
N PHE D 152 -5.20 19.80 -14.99
CA PHE D 152 -4.15 19.47 -14.03
C PHE D 152 -3.69 20.75 -13.39
N GLY D 153 -3.50 20.75 -12.09
CA GLY D 153 -3.05 21.98 -11.42
C GLY D 153 -2.78 21.71 -9.97
N SER D 154 -2.21 22.69 -9.27
CA SER D 154 -2.19 22.58 -7.80
C SER D 154 -3.60 22.40 -7.22
N TRP D 155 -3.74 21.49 -6.27
CA TRP D 155 -5.01 21.33 -5.54
C TRP D 155 -5.16 22.43 -4.51
N VAL D 156 -4.07 22.82 -3.87
CA VAL D 156 -4.25 23.71 -2.71
C VAL D 156 -3.69 25.10 -2.83
N TYR D 157 -2.90 25.37 -3.87
CA TYR D 157 -2.30 26.71 -4.03
C TYR D 157 -2.99 27.47 -5.18
N SER D 158 -3.47 28.67 -4.85
CA SER D 158 -4.14 29.54 -5.79
C SER D 158 -3.09 30.12 -6.72
N GLY D 159 -3.52 30.81 -7.79
CA GLY D 159 -2.63 31.55 -8.69
C GLY D 159 -1.71 32.60 -8.07
N PHE D 160 -2.07 33.07 -6.87
CA PHE D 160 -1.22 34.00 -6.12
C PHE D 160 -0.02 33.30 -5.49
N GLU D 161 -0.04 31.96 -5.39
CA GLU D 161 1.09 31.20 -4.84
C GLU D 161 1.79 30.32 -5.88
N ILE D 162 0.99 29.63 -6.70
CA ILE D 162 1.50 28.82 -7.85
C ILE D 162 0.82 29.22 -9.16
N ASP D 163 1.62 29.76 -10.08
CA ASP D 163 1.13 29.99 -11.45
C ASP D 163 1.66 28.86 -12.30
N LEU D 164 1.01 28.57 -13.42
CA LEU D 164 1.44 27.52 -14.34
C LEU D 164 1.67 28.11 -15.71
N LYS D 165 2.54 27.51 -16.48
CA LYS D 165 2.61 27.82 -17.91
C LYS D 165 3.06 26.58 -18.64
N THR D 166 2.83 26.55 -19.96
CA THR D 166 3.40 25.56 -20.83
C THR D 166 4.57 26.15 -21.64
N ASP D 167 5.33 25.27 -22.28
CA ASP D 167 6.38 25.63 -23.26
C ASP D 167 5.83 25.50 -24.71
N THR D 168 4.64 24.92 -24.84
CA THR D 168 4.00 24.64 -26.13
C THR D 168 2.55 24.24 -25.92
N ASP D 169 1.73 24.45 -26.95
CA ASP D 169 0.32 24.08 -26.90
C ASP D 169 0.16 22.60 -27.30
N GLN D 170 1.20 22.02 -27.88
CA GLN D 170 1.10 20.67 -28.41
C GLN D 170 1.61 19.63 -27.42
N VAL D 171 0.73 18.70 -27.06
CA VAL D 171 1.18 17.50 -26.28
C VAL D 171 2.22 16.73 -27.09
N ASP D 172 3.33 16.33 -26.43
CA ASP D 172 4.37 15.55 -27.11
C ASP D 172 3.82 14.15 -27.42
N LEU D 173 3.72 13.85 -28.72
CA LEU D 173 3.21 12.57 -29.19
C LEU D 173 4.29 11.70 -29.82
N SER D 174 5.55 12.13 -29.71
CA SER D 174 6.67 11.42 -30.36
C SER D 174 6.96 10.04 -29.74
N SER D 175 6.50 9.81 -28.50
CA SER D 175 6.59 8.49 -27.86
C SER D 175 5.27 7.72 -27.78
N TYR D 176 4.25 8.15 -28.52
CA TYR D 176 2.96 7.52 -28.44
C TYR D 176 3.04 6.10 -29.01
N TYR D 177 2.43 5.15 -28.30
CA TYR D 177 2.53 3.73 -28.68
C TYR D 177 1.87 3.43 -30.03
N ALA D 178 2.71 3.02 -31.00
CA ALA D 178 2.26 2.86 -32.38
C ALA D 178 1.22 1.76 -32.57
N SER D 179 1.17 0.79 -31.67
CA SER D 179 0.12 -0.25 -31.78
C SER D 179 -0.92 -0.18 -30.66
N SER D 180 -1.11 1.00 -30.08
CA SER D 180 -2.20 1.19 -29.13
C SER D 180 -3.51 0.81 -29.79
N LYS D 181 -4.49 0.41 -28.98
CA LYS D 181 -5.84 0.25 -29.50
C LYS D 181 -6.41 1.54 -30.06
N TYR D 182 -5.92 2.69 -29.58
CA TYR D 182 -6.42 4.01 -30.01
C TYR D 182 -5.36 4.86 -30.70
N GLU D 183 -5.77 5.60 -31.73
CA GLU D 183 -4.84 6.56 -32.34
C GLU D 183 -5.23 7.97 -31.98
N ILE D 184 -4.24 8.86 -31.92
CA ILE D 184 -4.46 10.23 -31.47
C ILE D 184 -4.69 11.13 -32.66
N LEU D 185 -5.87 11.77 -32.70
CA LEU D 185 -6.18 12.73 -33.77
C LEU D 185 -5.65 14.13 -33.42
N SER D 186 -5.75 14.51 -32.14
CA SER D 186 -5.20 15.76 -31.67
C SER D 186 -4.98 15.69 -30.17
N ALA D 187 -3.98 16.40 -29.69
CA ALA D 187 -3.76 16.46 -28.24
C ALA D 187 -3.13 17.78 -27.91
N THR D 188 -3.85 18.60 -27.16
CA THR D 188 -3.35 19.95 -26.83
C THR D 188 -3.28 20.18 -25.32
N GLN D 189 -2.51 21.16 -24.87
CA GLN D 189 -2.40 21.47 -23.46
C GLN D 189 -2.42 23.00 -23.32
N THR D 190 -3.38 23.51 -22.56
CA THR D 190 -3.62 24.98 -22.54
C THR D 190 -3.88 25.44 -21.11
N ARG D 191 -3.14 26.46 -20.68
CA ARG D 191 -3.39 27.12 -19.42
C ARG D 191 -4.81 27.72 -19.29
N GLN D 192 -5.41 27.57 -18.11
CA GLN D 192 -6.75 28.11 -17.83
C GLN D 192 -6.83 28.61 -16.42
N VAL D 193 -7.86 29.41 -16.14
CA VAL D 193 -8.05 29.98 -14.79
C VAL D 193 -9.38 29.47 -14.29
N GLN D 194 -9.40 28.93 -13.07
CA GLN D 194 -10.65 28.42 -12.51
C GLN D 194 -10.91 29.04 -11.16
N HIS D 195 -12.18 29.02 -10.74
CA HIS D 195 -12.57 29.38 -9.38
C HIS D 195 -13.38 28.25 -8.77
N TYR D 196 -13.08 27.94 -7.49
CA TYR D 196 -13.74 26.83 -6.78
C TYR D 196 -14.61 27.41 -5.67
N SER D 197 -15.66 26.68 -5.27
CA SER D 197 -16.63 27.20 -4.32
C SER D 197 -16.06 27.73 -3.01
N CYS D 198 -14.99 27.10 -2.53
CA CYS D 198 -14.44 27.39 -1.19
C CYS D 198 -13.90 28.81 -1.06
N CYS D 199 -13.47 29.40 -2.17
CA CYS D 199 -12.47 30.47 -2.11
C CYS D 199 -12.66 31.47 -3.24
N PRO D 200 -12.37 32.77 -2.98
CA PRO D 200 -12.46 33.76 -4.07
C PRO D 200 -11.28 33.79 -5.03
N GLU D 201 -10.13 33.27 -4.62
CA GLU D 201 -8.89 33.39 -5.44
C GLU D 201 -8.94 32.48 -6.68
N PRO D 202 -8.29 32.90 -7.77
CA PRO D 202 -8.31 32.04 -8.95
C PRO D 202 -7.28 30.91 -8.77
N TYR D 203 -7.57 29.77 -9.38
CA TYR D 203 -6.68 28.60 -9.38
C TYR D 203 -6.36 28.27 -10.81
N ILE D 204 -5.08 28.00 -11.06
CA ILE D 204 -4.55 27.85 -12.41
C ILE D 204 -4.42 26.36 -12.77
N ASP D 205 -4.79 26.01 -14.01
CA ASP D 205 -4.63 24.61 -14.47
C ASP D 205 -4.12 24.60 -15.89
N VAL D 206 -3.68 23.42 -16.33
CA VAL D 206 -3.37 23.20 -17.72
C VAL D 206 -4.36 22.11 -18.13
N ASN D 207 -5.16 22.45 -19.12
CA ASN D 207 -6.19 21.56 -19.64
C ASN D 207 -5.69 20.74 -20.82
N LEU D 208 -5.76 19.42 -20.67
CA LEU D 208 -5.31 18.45 -21.67
C LEU D 208 -6.55 18.01 -22.42
N VAL D 209 -6.59 18.27 -23.73
CA VAL D 209 -7.76 17.93 -24.54
C VAL D 209 -7.30 16.91 -25.61
N VAL D 210 -7.89 15.73 -25.62
CA VAL D 210 -7.42 14.68 -26.49
C VAL D 210 -8.56 14.19 -27.33
N LYS D 211 -8.34 14.19 -28.65
CA LYS D 211 -9.25 13.60 -29.61
C LYS D 211 -8.66 12.27 -30.10
N PHE D 212 -9.43 11.20 -30.02
CA PHE D 212 -8.86 9.89 -30.33
C PHE D 212 -9.91 8.98 -30.95
N ARG D 213 -9.45 7.90 -31.56
CA ARG D 213 -10.37 6.91 -32.10
C ARG D 213 -9.70 5.54 -32.21
N GLU D 214 -10.49 4.49 -32.35
CA GLU D 214 -9.95 3.15 -32.54
C GLU D 214 -9.03 3.11 -33.76
N ARG D 215 -7.92 2.40 -33.64
CA ARG D 215 -7.03 2.20 -34.79
C ARG D 215 -7.77 1.37 -35.85
N ARG D 216 -7.72 1.84 -37.10
CA ARG D 216 -8.52 1.29 -38.21
C ARG D 216 -8.08 -0.14 -38.62
N ASP E 6 33.47 -18.47 18.57
CA ASP E 6 33.85 -18.24 17.14
C ASP E 6 32.70 -17.58 16.39
N LYS E 7 31.52 -18.19 16.50
CA LYS E 7 30.32 -17.69 15.83
C LYS E 7 29.93 -16.30 16.30
N LEU E 8 30.18 -16.01 17.59
CA LEU E 8 29.93 -14.68 18.14
C LEU E 8 30.95 -13.65 17.66
N HIS E 9 32.17 -14.14 17.36
CA HIS E 9 33.23 -13.28 16.82
C HIS E 9 32.93 -12.90 15.38
N SER E 10 32.37 -13.82 14.61
CA SER E 10 32.04 -13.56 13.20
C SER E 10 30.83 -12.63 13.09
N GLN E 11 29.87 -12.78 13.99
CA GLN E 11 28.71 -11.89 14.06
C GLN E 11 29.15 -10.46 14.31
N ALA E 12 30.11 -10.28 15.23
CA ALA E 12 30.61 -8.94 15.56
C ALA E 12 31.48 -8.37 14.44
N ASN E 13 32.24 -9.23 13.78
CA ASN E 13 33.04 -8.84 12.62
C ASN E 13 32.16 -8.28 11.47
N LEU E 14 31.07 -8.97 11.17
CA LEU E 14 30.11 -8.49 10.18
C LEU E 14 29.41 -7.21 10.64
N MET E 15 28.87 -7.23 11.87
CA MET E 15 28.22 -6.05 12.44
C MET E 15 29.14 -4.82 12.34
N ARG E 16 30.44 -5.06 12.53
CA ARG E 16 31.45 -4.01 12.46
C ARG E 16 31.70 -3.56 11.03
N LEU E 17 31.85 -4.52 10.13
CA LEU E 17 32.01 -4.22 8.70
C LEU E 17 30.88 -3.34 8.18
N LYS E 18 29.65 -3.71 8.50
CA LYS E 18 28.47 -2.99 7.99
C LYS E 18 28.45 -1.58 8.56
N SER E 19 28.78 -1.45 9.85
CA SER E 19 28.84 -0.16 10.51
C SER E 19 29.98 0.70 9.95
N ASP E 20 31.15 0.11 9.74
CA ASP E 20 32.24 0.83 9.10
C ASP E 20 31.94 1.32 7.68
N LEU E 21 31.21 0.52 6.91
CA LEU E 21 30.85 0.87 5.54
C LEU E 21 29.71 1.88 5.48
N PHE E 22 28.64 1.59 6.21
CA PHE E 22 27.44 2.42 6.16
C PHE E 22 27.54 3.52 7.21
N TYR E 28 27.73 7.45 -0.74
CA TYR E 28 27.64 7.40 -2.21
C TYR E 28 26.39 8.10 -2.74
N PRO E 29 26.60 9.24 -3.41
CA PRO E 29 25.50 10.04 -3.87
C PRO E 29 25.04 9.64 -5.27
N GLY E 30 25.45 8.46 -5.73
CA GLY E 30 25.09 8.04 -7.06
C GLY E 30 26.18 8.45 -8.04
N PRO E 31 26.09 7.94 -9.28
CA PRO E 31 27.11 8.22 -10.29
C PRO E 31 26.95 9.62 -10.87
N THR E 32 28.03 10.11 -11.50
CA THR E 32 28.08 11.43 -12.12
C THR E 32 28.92 11.34 -13.39
N LYS E 33 28.92 12.39 -14.20
CA LYS E 33 29.78 12.45 -15.38
C LYS E 33 31.23 12.20 -14.99
N ASP E 34 31.61 12.68 -13.81
CA ASP E 34 32.99 12.54 -13.32
C ASP E 34 33.33 11.20 -12.73
N ASP E 35 32.30 10.50 -12.23
CA ASP E 35 32.45 9.20 -11.59
C ASP E 35 31.34 8.29 -12.12
N PRO E 36 31.39 7.94 -13.42
CA PRO E 36 30.30 7.15 -14.01
C PRO E 36 30.38 5.69 -13.65
N LEU E 37 29.26 4.99 -13.80
CA LEU E 37 29.14 3.60 -13.40
C LEU E 37 28.56 2.77 -14.54
N THR E 38 29.02 1.53 -14.69
CA THR E 38 28.44 0.60 -15.66
C THR E 38 27.62 -0.45 -14.92
N VAL E 39 26.35 -0.60 -15.30
CA VAL E 39 25.47 -1.60 -14.69
C VAL E 39 25.33 -2.71 -15.72
N THR E 40 25.71 -3.93 -15.33
CA THR E 40 25.43 -5.11 -16.16
C THR E 40 24.02 -5.65 -15.86
N LEU E 41 23.26 -5.90 -16.92
CA LEU E 41 21.91 -6.36 -16.83
C LEU E 41 21.74 -7.66 -17.61
N GLY E 42 20.90 -8.54 -17.07
CA GLY E 42 20.52 -9.74 -17.78
C GLY E 42 19.16 -10.20 -17.30
N PHE E 43 18.31 -10.62 -18.24
CA PHE E 43 16.94 -11.04 -17.92
C PHE E 43 16.77 -12.55 -18.01
N THR E 44 15.98 -13.06 -17.07
CA THR E 44 15.58 -14.48 -17.04
C THR E 44 14.06 -14.49 -17.07
N LEU E 45 13.49 -14.91 -18.19
CA LEU E 45 12.02 -14.85 -18.37
C LEU E 45 11.36 -16.15 -17.85
N GLN E 46 10.47 -16.01 -16.88
CA GLN E 46 9.81 -17.13 -16.25
C GLN E 46 8.48 -17.47 -16.87
N ASP E 47 7.73 -16.46 -17.30
CA ASP E 47 6.39 -16.71 -17.79
C ASP E 47 5.80 -15.49 -18.50
N ILE E 48 5.12 -15.75 -19.62
CA ILE E 48 4.14 -14.77 -20.12
C ILE E 48 2.81 -15.26 -19.56
N VAL E 49 2.30 -14.49 -18.62
CA VAL E 49 1.15 -14.89 -17.86
C VAL E 49 -0.14 -14.59 -18.61
N LYS E 50 -0.21 -13.40 -19.22
CA LYS E 50 -1.47 -12.85 -19.73
C LYS E 50 -1.20 -11.98 -20.95
N ALA E 51 -2.01 -12.10 -21.99
CA ALA E 51 -1.96 -11.20 -23.10
C ALA E 51 -3.36 -10.70 -23.39
N ASP E 52 -3.58 -9.39 -23.24
CA ASP E 52 -4.91 -8.82 -23.29
C ASP E 52 -5.07 -8.09 -24.65
N SER E 53 -5.84 -8.68 -25.55
CA SER E 53 -6.04 -8.07 -26.86
C SER E 53 -7.08 -6.94 -26.82
N SER E 54 -7.82 -6.81 -25.73
CA SER E 54 -8.71 -5.66 -25.59
C SER E 54 -8.00 -4.34 -25.23
N THR E 55 -6.83 -4.40 -24.58
CA THR E 55 -6.10 -3.19 -24.17
C THR E 55 -4.67 -3.15 -24.73
N ASN E 56 -4.25 -4.19 -25.43
CA ASN E 56 -2.85 -4.33 -25.87
C ASN E 56 -1.86 -4.19 -24.70
N GLU E 57 -2.10 -5.04 -23.69
CA GLU E 57 -1.17 -5.17 -22.56
C GLU E 57 -0.79 -6.65 -22.43
N VAL E 58 0.48 -6.91 -22.18
CA VAL E 58 0.97 -8.26 -21.89
C VAL E 58 1.64 -8.23 -20.53
N ASP E 59 1.43 -9.30 -19.76
CA ASP E 59 2.05 -9.42 -18.40
C ASP E 59 3.16 -10.44 -18.40
N LEU E 60 4.34 -10.03 -17.96
CA LEU E 60 5.50 -10.92 -17.86
C LEU E 60 5.93 -11.15 -16.41
N VAL E 61 6.44 -12.36 -16.14
CA VAL E 61 7.15 -12.60 -14.85
C VAL E 61 8.58 -12.94 -15.21
N TYR E 62 9.55 -12.29 -14.57
CA TYR E 62 10.96 -12.51 -14.90
C TYR E 62 11.75 -12.05 -13.70
N TYR E 63 13.02 -12.42 -13.68
CA TYR E 63 13.94 -11.70 -12.81
C TYR E 63 15.10 -11.10 -13.57
N GLU E 64 15.71 -10.08 -12.97
CA GLU E 64 16.67 -9.29 -13.68
C GLU E 64 17.94 -9.29 -12.86
N GLN E 65 19.04 -9.77 -13.42
CA GLN E 65 20.28 -9.68 -12.67
C GLN E 65 20.95 -8.33 -12.90
N GLN E 66 21.25 -7.64 -11.83
CA GLN E 66 21.90 -6.33 -11.91
C GLN E 66 23.24 -6.43 -11.17
N ARG E 67 24.29 -5.94 -11.81
CA ARG E 67 25.59 -5.95 -11.19
C ARG E 67 26.29 -4.63 -11.42
N TRP E 68 26.97 -4.16 -10.37
CA TRP E 68 27.80 -2.95 -10.46
C TRP E 68 28.87 -3.04 -9.37
N LYS E 69 29.83 -2.11 -9.42
CA LYS E 69 30.97 -2.14 -8.51
C LYS E 69 31.29 -0.73 -8.04
N LEU E 70 31.43 -0.56 -6.73
CA LEU E 70 31.71 0.73 -6.11
C LEU E 70 32.98 0.65 -5.26
N ASN E 71 33.93 1.55 -5.52
CA ASN E 71 35.12 1.68 -4.65
C ASN E 71 34.72 1.92 -3.19
N SER E 72 33.66 2.67 -2.96
CA SER E 72 33.20 2.98 -1.62
C SER E 72 32.72 1.75 -0.85
N LEU E 73 32.52 0.63 -1.55
CA LEU E 73 32.05 -0.61 -0.91
C LEU E 73 33.14 -1.67 -0.70
N MET E 74 34.40 -1.29 -0.88
CA MET E 74 35.52 -2.22 -0.77
C MET E 74 35.98 -2.39 0.67
N TRP E 75 36.43 -3.60 0.99
CA TRP E 75 37.16 -3.84 2.23
C TRP E 75 38.18 -4.97 2.07
N ASP E 76 39.08 -5.06 3.04
CA ASP E 76 40.04 -6.14 3.13
C ASP E 76 39.50 -7.18 4.09
N PRO E 77 39.20 -8.38 3.59
CA PRO E 77 38.66 -9.46 4.39
C PRO E 77 39.48 -9.76 5.66
N ASN E 78 40.80 -9.56 5.60
CA ASN E 78 41.67 -9.87 6.74
C ASN E 78 41.49 -8.90 7.93
N GLU E 79 40.97 -7.70 7.67
CA GLU E 79 40.61 -6.78 8.72
C GLU E 79 39.24 -7.10 9.33
N TYR E 80 38.54 -8.08 8.76
CA TYR E 80 37.16 -8.38 9.16
C TYR E 80 36.87 -9.86 9.31
N GLY E 81 37.86 -10.60 9.80
CA GLY E 81 37.67 -12.02 10.07
C GLY E 81 37.49 -12.86 8.83
N ASN E 82 38.14 -12.44 7.74
CA ASN E 82 38.01 -13.10 6.43
C ASN E 82 36.57 -13.13 5.87
N ILE E 83 35.74 -12.16 6.27
CA ILE E 83 34.45 -11.95 5.61
C ILE E 83 34.72 -11.46 4.18
N THR E 84 34.20 -12.19 3.18
CA THR E 84 34.41 -11.86 1.76
C THR E 84 33.19 -11.24 1.06
N ASP E 85 32.01 -11.48 1.64
CA ASP E 85 30.79 -10.87 1.13
C ASP E 85 29.73 -10.88 2.22
N PHE E 86 28.66 -10.11 2.02
CA PHE E 86 27.52 -10.14 2.92
C PHE E 86 26.21 -9.78 2.19
N ARG E 87 25.11 -10.22 2.81
CA ARG E 87 23.78 -9.89 2.33
C ARG E 87 23.33 -8.64 3.03
N THR E 88 22.68 -7.78 2.30
CA THR E 88 22.27 -6.51 2.86
C THR E 88 20.94 -6.04 2.23
N SER E 89 20.12 -5.37 3.04
CA SER E 89 18.91 -4.75 2.53
C SER E 89 19.27 -3.77 1.42
N ALA E 90 18.48 -3.79 0.34
CA ALA E 90 18.71 -2.86 -0.77
C ALA E 90 18.48 -1.42 -0.33
N ALA E 91 17.69 -1.22 0.73
CA ALA E 91 17.53 0.10 1.37
C ALA E 91 18.83 0.70 1.94
N ASP E 92 19.81 -0.15 2.22
CA ASP E 92 21.05 0.23 2.88
C ASP E 92 22.08 0.75 1.90
N ILE E 93 21.84 0.51 0.61
CA ILE E 93 22.80 0.85 -0.40
C ILE E 93 22.10 1.61 -1.53
N TRP E 94 22.91 2.28 -2.34
CA TRP E 94 22.43 2.84 -3.59
C TRP E 94 22.11 1.71 -4.54
N THR E 95 21.03 1.85 -5.31
CA THR E 95 20.72 0.88 -6.35
C THR E 95 20.35 1.65 -7.62
N PRO E 96 20.63 1.07 -8.81
CA PRO E 96 20.26 1.76 -10.05
C PRO E 96 18.76 1.84 -10.27
N ASP E 97 18.30 2.98 -10.82
CA ASP E 97 16.86 3.20 -11.09
C ASP E 97 16.45 2.62 -12.44
N ILE E 98 16.75 1.34 -12.64
CA ILE E 98 16.38 0.63 -13.89
C ILE E 98 14.87 0.50 -14.00
N THR E 99 14.32 1.02 -15.10
CA THR E 99 12.89 1.16 -15.28
C THR E 99 12.49 0.65 -16.66
N ALA E 100 11.36 -0.04 -16.75
CA ALA E 100 10.76 -0.33 -18.06
C ALA E 100 10.21 0.98 -18.61
N TYR E 101 10.33 1.20 -19.92
CA TYR E 101 9.94 2.48 -20.47
C TYR E 101 8.54 2.47 -21.01
N SER E 102 7.88 1.31 -21.07
CA SER E 102 6.53 1.27 -21.63
C SER E 102 5.62 0.37 -20.76
N SER E 103 5.85 0.39 -19.46
CA SER E 103 4.94 -0.27 -18.50
C SER E 103 3.58 0.42 -18.50
N THR E 104 2.53 -0.32 -18.17
CA THR E 104 1.21 0.29 -18.01
C THR E 104 0.66 0.17 -16.58
N ARG E 105 1.46 -0.45 -15.71
N ARG E 105 1.40 -0.47 -15.69
CA ARG E 105 1.15 -0.65 -14.27
CA ARG E 105 1.08 -0.47 -14.24
C ARG E 105 2.44 -0.53 -13.48
C ARG E 105 2.38 -0.54 -13.47
N PRO E 106 2.37 -0.17 -12.18
CA PRO E 106 3.59 -0.24 -11.42
C PRO E 106 4.08 -1.69 -11.39
N VAL E 107 5.38 -1.89 -11.52
N VAL E 107 5.39 -1.88 -11.47
CA VAL E 107 5.89 -3.24 -11.44
CA VAL E 107 5.97 -3.22 -11.40
C VAL E 107 5.49 -3.81 -10.06
C VAL E 107 5.68 -3.85 -10.04
N GLN E 108 5.28 -5.12 -10.01
CA GLN E 108 5.05 -5.78 -8.71
C GLN E 108 6.27 -6.59 -8.33
N VAL E 109 6.84 -6.28 -7.16
CA VAL E 109 8.06 -6.97 -6.70
C VAL E 109 7.74 -8.35 -6.10
N LEU E 110 8.44 -9.37 -6.59
CA LEU E 110 8.16 -10.76 -6.19
C LEU E 110 9.24 -11.39 -5.31
N SER E 111 10.36 -10.69 -5.15
CA SER E 111 11.42 -11.22 -4.32
C SER E 111 11.89 -10.21 -3.28
N PRO E 112 12.51 -10.70 -2.20
CA PRO E 112 13.03 -9.82 -1.15
C PRO E 112 14.04 -8.81 -1.68
N GLN E 113 13.93 -7.58 -1.19
CA GLN E 113 14.80 -6.51 -1.65
C GLN E 113 16.13 -6.54 -0.85
N ILE E 114 16.90 -7.58 -1.16
CA ILE E 114 18.19 -7.85 -0.52
C ILE E 114 19.21 -8.10 -1.64
N ALA E 115 20.39 -7.52 -1.49
CA ALA E 115 21.49 -7.64 -2.45
C ALA E 115 22.70 -8.31 -1.78
N VAL E 116 23.69 -8.68 -2.58
CA VAL E 116 24.93 -9.28 -2.05
C VAL E 116 26.05 -8.33 -2.41
N VAL E 117 26.84 -7.98 -1.39
CA VAL E 117 27.99 -7.11 -1.56
C VAL E 117 29.26 -7.93 -1.31
N THR E 118 30.24 -7.78 -2.20
CA THR E 118 31.51 -8.53 -2.15
C THR E 118 32.63 -7.56 -1.85
N HIS E 119 33.74 -8.09 -1.29
CA HIS E 119 34.81 -7.23 -0.73
C HIS E 119 35.52 -6.36 -1.76
N ASP E 120 35.44 -6.74 -3.03
CA ASP E 120 35.96 -5.92 -4.12
C ASP E 120 35.04 -4.74 -4.48
N GLY E 121 33.96 -4.55 -3.70
CA GLY E 121 32.99 -3.47 -3.90
C GLY E 121 31.91 -3.79 -4.93
N SER E 122 31.90 -5.03 -5.39
CA SER E 122 30.87 -5.40 -6.34
C SER E 122 29.55 -5.78 -5.65
N VAL E 123 28.45 -5.46 -6.32
CA VAL E 123 27.12 -5.69 -5.77
C VAL E 123 26.34 -6.52 -6.78
N MET E 124 25.56 -7.46 -6.28
CA MET E 124 24.65 -8.22 -7.14
C MET E 124 23.26 -8.12 -6.56
N PHE E 125 22.25 -7.90 -7.42
CA PHE E 125 20.88 -7.69 -6.99
C PHE E 125 20.02 -8.30 -8.10
N ILE E 126 19.11 -9.18 -7.67
CA ILE E 126 18.32 -10.00 -8.60
C ILE E 126 16.82 -9.94 -8.32
N PRO E 127 16.19 -8.78 -8.58
CA PRO E 127 14.75 -8.61 -8.35
C PRO E 127 13.87 -9.40 -9.32
N ALA E 128 12.98 -10.21 -8.75
CA ALA E 128 11.91 -10.78 -9.55
C ALA E 128 10.67 -9.85 -9.57
N GLN E 129 9.98 -9.80 -10.71
CA GLN E 129 8.98 -8.76 -10.97
C GLN E 129 7.86 -9.31 -11.84
N ARG E 130 6.64 -8.83 -11.61
CA ARG E 130 5.58 -8.95 -12.61
C ARG E 130 5.38 -7.58 -13.25
N LEU E 131 5.46 -7.56 -14.57
CA LEU E 131 5.33 -6.32 -15.36
C LEU E 131 4.18 -6.39 -16.37
N SER E 132 3.31 -5.38 -16.42
CA SER E 132 2.35 -5.23 -17.57
C SER E 132 2.94 -4.16 -18.47
N PHE E 133 3.03 -4.42 -19.78
CA PHE E 133 3.64 -3.43 -20.66
C PHE E 133 2.88 -3.39 -21.99
N MET E 134 3.12 -2.32 -22.75
CA MET E 134 2.45 -2.11 -24.05
C MET E 134 2.83 -3.16 -25.08
N CYS E 135 1.85 -3.93 -25.49
CA CYS E 135 2.12 -5.01 -26.42
C CYS E 135 0.85 -5.42 -27.16
N ASP E 136 0.88 -5.35 -28.49
CA ASP E 136 -0.21 -5.83 -29.32
C ASP E 136 0.03 -7.33 -29.56
N PRO E 137 -0.83 -8.19 -29.01
CA PRO E 137 -0.64 -9.61 -29.21
C PRO E 137 -1.25 -10.20 -30.51
N THR E 138 -1.65 -9.35 -31.46
CA THR E 138 -2.18 -9.88 -32.74
C THR E 138 -1.18 -10.87 -33.34
N GLY E 139 -1.65 -12.08 -33.64
CA GLY E 139 -0.80 -13.08 -34.28
C GLY E 139 -0.40 -14.20 -33.33
N VAL E 140 -0.62 -13.98 -32.03
CA VAL E 140 -0.30 -15.00 -31.04
C VAL E 140 -0.93 -16.37 -31.36
N ASP E 141 -2.07 -16.36 -32.05
CA ASP E 141 -2.80 -17.59 -32.41
C ASP E 141 -2.47 -18.12 -33.83
N SER E 142 -1.27 -17.80 -34.29
CA SER E 142 -0.77 -18.25 -35.58
C SER E 142 0.67 -18.75 -35.42
N GLU E 143 1.20 -19.42 -36.44
CA GLU E 143 2.51 -20.05 -36.35
C GLU E 143 3.64 -19.03 -36.22
N GLU E 144 3.47 -17.87 -36.86
CA GLU E 144 4.46 -16.79 -36.83
C GLU E 144 4.51 -16.09 -35.44
N GLY E 145 3.36 -16.07 -34.76
CA GLY E 145 3.22 -15.57 -33.39
C GLY E 145 3.16 -14.06 -33.35
N ALA E 146 3.19 -13.53 -32.12
CA ALA E 146 3.20 -12.09 -31.86
C ALA E 146 4.61 -11.66 -31.51
N THR E 147 4.92 -10.39 -31.75
CA THR E 147 6.20 -9.84 -31.37
C THR E 147 5.99 -8.55 -30.59
N CYS E 148 6.67 -8.46 -29.44
CA CYS E 148 6.65 -7.27 -28.61
C CYS E 148 8.01 -6.95 -28.05
N ALA E 149 8.15 -5.72 -27.58
CA ALA E 149 9.42 -5.17 -27.18
C ALA E 149 9.19 -4.21 -26.03
N VAL E 150 10.14 -4.18 -25.12
CA VAL E 150 10.11 -3.22 -24.02
C VAL E 150 11.56 -2.84 -23.68
N LYS E 151 11.83 -1.55 -23.55
CA LYS E 151 13.17 -1.09 -23.23
C LYS E 151 13.29 -0.86 -21.74
N PHE E 152 14.47 -1.16 -21.20
CA PHE E 152 14.80 -0.95 -19.80
C PHE E 152 16.03 -0.08 -19.70
N GLY E 153 15.98 0.88 -18.80
CA GLY E 153 17.13 1.76 -18.64
C GLY E 153 16.91 2.64 -17.42
N SER E 154 17.91 3.46 -17.12
CA SER E 154 17.78 4.45 -16.04
C SER E 154 16.72 5.48 -16.48
N TRP E 155 15.89 5.90 -15.54
CA TRP E 155 14.92 6.93 -15.84
C TRP E 155 15.57 8.30 -15.85
N VAL E 156 16.52 8.50 -14.94
CA VAL E 156 17.05 9.85 -14.69
C VAL E 156 18.52 10.05 -15.02
N TYR E 157 19.27 8.98 -15.25
CA TYR E 157 20.68 9.16 -15.62
C TYR E 157 20.93 8.90 -17.11
N SER E 158 21.74 9.77 -17.71
CA SER E 158 22.13 9.61 -19.10
C SER E 158 23.30 8.63 -19.21
N GLY E 159 23.71 8.34 -20.44
CA GLY E 159 24.84 7.47 -20.68
C GLY E 159 26.17 8.00 -20.13
N PHE E 160 26.22 9.30 -19.82
CA PHE E 160 27.42 9.91 -19.21
C PHE E 160 27.59 9.57 -17.71
N GLU E 161 26.51 9.12 -17.08
CA GLU E 161 26.52 8.73 -15.66
C GLU E 161 26.38 7.23 -15.46
N ILE E 162 25.46 6.62 -16.20
CA ILE E 162 25.25 5.17 -16.14
C ILE E 162 25.33 4.59 -17.55
N ASP E 163 26.32 3.71 -17.76
CA ASP E 163 26.35 2.89 -18.97
C ASP E 163 25.73 1.55 -18.57
N LEU E 164 25.15 0.87 -19.54
CA LEU E 164 24.62 -0.47 -19.35
C LEU E 164 25.48 -1.41 -20.17
N LYS E 165 25.67 -2.61 -19.66
CA LYS E 165 26.40 -3.67 -20.33
C LYS E 165 25.48 -4.90 -20.27
N THR E 166 25.52 -5.76 -21.30
CA THR E 166 24.97 -7.11 -21.13
C THR E 166 26.10 -8.12 -21.39
N ASP E 167 25.97 -9.33 -20.86
CA ASP E 167 26.94 -10.42 -21.14
C ASP E 167 26.53 -11.16 -22.43
N THR E 168 25.26 -11.07 -22.74
CA THR E 168 24.68 -11.81 -23.84
C THR E 168 23.50 -11.05 -24.38
N ASP E 169 23.21 -11.25 -25.66
CA ASP E 169 21.95 -10.76 -26.20
C ASP E 169 20.81 -11.80 -26.16
N GLN E 170 21.06 -12.92 -25.50
CA GLN E 170 20.00 -13.94 -25.37
C GLN E 170 19.36 -13.82 -24.00
N VAL E 171 18.04 -13.64 -23.98
CA VAL E 171 17.31 -13.72 -22.71
C VAL E 171 17.42 -15.14 -22.21
N ASP E 172 17.60 -15.32 -20.91
CA ASP E 172 17.73 -16.67 -20.34
C ASP E 172 16.35 -17.29 -20.28
N LEU E 173 16.15 -18.36 -21.06
CA LEU E 173 14.88 -19.09 -21.05
C LEU E 173 14.93 -20.45 -20.33
N SER E 174 16.04 -20.73 -19.65
CA SER E 174 16.19 -22.02 -19.00
C SER E 174 15.20 -22.28 -17.83
N SER E 175 14.62 -21.20 -17.28
CA SER E 175 13.56 -21.30 -16.25
C SER E 175 12.17 -20.92 -16.75
N TYR E 176 11.99 -20.90 -18.07
CA TYR E 176 10.68 -20.53 -18.60
C TYR E 176 9.67 -21.63 -18.26
N TYR E 177 8.52 -21.24 -17.74
CA TYR E 177 7.52 -22.20 -17.28
C TYR E 177 7.09 -23.08 -18.44
N ALA E 178 7.32 -24.39 -18.31
CA ALA E 178 7.13 -25.35 -19.39
C ALA E 178 5.66 -25.53 -19.74
N SER E 179 4.76 -25.18 -18.82
CA SER E 179 3.34 -25.27 -19.13
C SER E 179 2.63 -23.93 -19.21
N SER E 180 3.38 -22.87 -19.50
CA SER E 180 2.78 -21.58 -19.82
C SER E 180 1.71 -21.67 -20.94
N LYS E 181 0.73 -20.75 -20.91
CA LYS E 181 -0.23 -20.58 -22.01
C LYS E 181 0.50 -20.16 -23.31
N TYR E 182 1.71 -19.61 -23.18
CA TYR E 182 2.45 -19.12 -24.33
C TYR E 182 3.81 -19.77 -24.41
N GLU E 183 4.20 -20.16 -25.62
CA GLU E 183 5.54 -20.62 -25.87
C GLU E 183 6.41 -19.49 -26.50
N ILE E 184 7.71 -19.46 -26.15
CA ILE E 184 8.62 -18.42 -26.62
C ILE E 184 9.34 -18.91 -27.87
N LEU E 185 9.27 -18.10 -28.93
CA LEU E 185 9.89 -18.42 -30.21
C LEU E 185 11.28 -17.85 -30.20
N SER E 186 11.42 -16.67 -29.60
CA SER E 186 12.73 -16.10 -29.31
C SER E 186 12.59 -14.92 -28.35
N ALA E 187 13.67 -14.63 -27.66
CA ALA E 187 13.71 -13.52 -26.72
C ALA E 187 15.14 -13.00 -26.63
N THR E 188 15.32 -11.73 -27.03
CA THR E 188 16.63 -11.13 -27.08
C THR E 188 16.68 -9.89 -26.21
N GLN E 189 17.87 -9.53 -25.77
CA GLN E 189 18.07 -8.34 -24.96
C GLN E 189 19.24 -7.57 -25.57
N THR E 190 18.98 -6.42 -26.17
CA THR E 190 20.00 -5.73 -26.98
C THR E 190 20.28 -4.33 -26.47
N ARG E 191 21.54 -4.08 -26.15
CA ARG E 191 21.94 -2.74 -25.75
C ARG E 191 21.81 -1.79 -26.97
N GLN E 192 21.20 -0.64 -26.72
CA GLN E 192 20.97 0.40 -27.74
C GLN E 192 21.51 1.71 -27.21
N VAL E 193 22.22 2.46 -28.07
CA VAL E 193 22.70 3.79 -27.73
C VAL E 193 22.04 4.77 -28.67
N GLN E 194 21.41 5.79 -28.12
CA GLN E 194 20.82 6.79 -29.00
C GLN E 194 20.81 8.18 -28.42
N HIS E 195 20.56 9.17 -29.29
CA HIS E 195 20.45 10.58 -28.89
C HIS E 195 19.06 11.09 -29.20
N TYR E 196 18.53 11.92 -28.32
CA TYR E 196 17.22 12.55 -28.52
C TYR E 196 17.33 14.04 -28.81
N SER E 197 16.24 14.62 -29.32
CA SER E 197 16.23 16.03 -29.75
C SER E 197 16.55 17.04 -28.64
N CYS E 198 16.04 16.77 -27.44
CA CYS E 198 16.22 17.61 -26.26
C CYS E 198 17.67 17.90 -25.84
N CYS E 199 18.57 16.94 -26.07
CA CYS E 199 19.78 16.77 -25.25
C CYS E 199 20.95 16.24 -26.07
N PRO E 200 22.19 16.76 -25.82
CA PRO E 200 23.40 16.30 -26.53
C PRO E 200 23.91 14.90 -26.10
N GLU E 201 23.66 14.55 -24.84
CA GLU E 201 24.26 13.37 -24.22
C GLU E 201 23.61 12.07 -24.75
N PRO E 202 24.39 10.97 -24.78
CA PRO E 202 23.83 9.73 -25.28
C PRO E 202 22.93 9.09 -24.22
N TYR E 203 21.92 8.34 -24.67
CA TYR E 203 21.06 7.55 -23.77
C TYR E 203 21.16 6.05 -24.11
N ILE E 204 21.13 5.22 -23.06
CA ILE E 204 21.42 3.78 -23.20
C ILE E 204 20.24 3.01 -22.63
N ASP E 205 19.80 1.97 -23.34
CA ASP E 205 18.76 1.11 -22.81
C ASP E 205 19.08 -0.31 -23.24
N VAL E 206 18.37 -1.27 -22.63
CA VAL E 206 18.43 -2.65 -23.13
C VAL E 206 17.03 -2.97 -23.62
N ASN E 207 16.97 -3.33 -24.88
CA ASN E 207 15.71 -3.60 -25.52
C ASN E 207 15.43 -5.08 -25.48
N LEU E 208 14.35 -5.42 -24.78
CA LEU E 208 13.90 -6.81 -24.67
C LEU E 208 12.87 -7.09 -25.74
N VAL E 209 13.16 -8.02 -26.67
CA VAL E 209 12.24 -8.33 -27.76
C VAL E 209 11.79 -9.80 -27.66
N VAL E 210 10.49 -10.01 -27.54
CA VAL E 210 9.99 -11.35 -27.32
C VAL E 210 9.00 -11.72 -28.41
N LYS E 211 9.26 -12.86 -29.04
CA LYS E 211 8.33 -13.41 -30.02
C LYS E 211 7.72 -14.65 -29.39
N PHE E 212 6.39 -14.75 -29.39
CA PHE E 212 5.66 -15.76 -28.63
C PHE E 212 4.37 -16.12 -29.34
N ARG E 213 3.84 -17.28 -29.00
CA ARG E 213 2.57 -17.73 -29.56
C ARG E 213 1.87 -18.66 -28.58
N GLU E 214 0.57 -18.76 -28.70
CA GLU E 214 -0.20 -19.72 -27.92
C GLU E 214 0.38 -21.13 -28.00
N ARG E 215 0.51 -21.80 -26.84
CA ARG E 215 1.07 -23.15 -26.77
C ARG E 215 0.13 -24.16 -27.46
#